data_4IC6
#
_entry.id   4IC6
#
_cell.length_a   129.475
_cell.length_b   124.175
_cell.length_c   93.274
_cell.angle_alpha   90.00
_cell.angle_beta   132.41
_cell.angle_gamma   90.00
#
_symmetry.space_group_name_H-M   'C 1 2 1'
#
loop_
_entity.id
_entity.type
_entity.pdbx_description
1 polymer 'Protease Do-like 8, chloroplastic'
2 water water
#
_entity_poly.entity_id   1
_entity_poly.type   'polypeptide(L)'
_entity_poly.pdbx_seq_one_letter_code
;MGLGDPSVATVEDVSPTVFPAGPLFPTEGRIVQLFEKNTYSVVNIFDVTLRPQLKMTGVVEIPEGNGSGVVWDGQGYIVT
NYHVIGNALSRNPSPGDVVGRVNILASDGVQKNFEGKLVGADRAKDLAVLKVDAPETLLKPIKVGQSNSLKVGQQCLAIG
NPFGFDHTLTVGVISGLNRDIFSQTGVTIGGGIQTDAAINPGNAGGPLLDSKGNLIGINTAIFTQTGTSAGVGFAIPSST
VLKIVPQLIQFSKVLRAGINIELAPDPVANQLNVRNGALVLQVPGKSLAEKAGLHPTSRGFAGNIVLGDIIVAVDDKPVK
NKAELMKILDEYSVGDKVTLKIKRGNEDLELKISLEEKSSLEHHHHHH
;
_entity_poly.pdbx_strand_id   A,B,C
#
# COMPACT_ATOMS: atom_id res chain seq x y z
N PRO A 16 14.74 -20.63 -23.45
CA PRO A 16 13.63 -21.42 -22.93
C PRO A 16 12.36 -21.24 -23.77
N THR A 17 11.27 -21.90 -23.37
CA THR A 17 10.02 -21.89 -24.13
C THR A 17 9.02 -20.83 -23.66
N VAL A 18 8.38 -20.16 -24.62
CA VAL A 18 7.47 -19.05 -24.33
C VAL A 18 6.00 -19.40 -24.51
N PHE A 19 5.23 -19.24 -23.44
CA PHE A 19 3.80 -19.54 -23.44
C PHE A 19 2.97 -18.31 -23.79
N PRO A 20 2.04 -18.45 -24.75
CA PRO A 20 1.25 -17.32 -25.27
C PRO A 20 0.08 -16.95 -24.34
N ALA A 21 -0.46 -15.75 -24.53
CA ALA A 21 -1.57 -15.26 -23.72
C ALA A 21 -2.70 -16.28 -23.59
N GLY A 22 -2.91 -16.79 -22.38
CA GLY A 22 -3.99 -17.73 -22.12
C GLY A 22 -5.33 -17.03 -21.92
N PRO A 23 -6.41 -17.81 -21.70
CA PRO A 23 -7.72 -17.22 -21.43
C PRO A 23 -7.75 -16.63 -20.03
N LEU A 24 -8.43 -15.51 -19.82
CA LEU A 24 -8.47 -14.90 -18.50
C LEU A 24 -9.54 -15.53 -17.62
N PHE A 25 -9.27 -15.60 -16.32
CA PHE A 25 -10.27 -16.06 -15.37
C PHE A 25 -11.40 -15.02 -15.26
N PRO A 26 -12.55 -15.41 -14.69
CA PRO A 26 -13.73 -14.53 -14.76
C PRO A 26 -13.55 -13.16 -14.14
N THR A 27 -13.00 -13.08 -12.93
CA THR A 27 -12.86 -11.79 -12.28
C THR A 27 -11.82 -10.91 -12.98
N GLU A 28 -10.63 -11.43 -13.22
CA GLU A 28 -9.65 -10.62 -13.95
C GLU A 28 -10.19 -10.29 -15.35
N GLY A 29 -10.90 -11.24 -15.96
CA GLY A 29 -11.53 -10.99 -17.25
C GLY A 29 -12.47 -9.80 -17.27
N ARG A 30 -13.37 -9.70 -16.28
CA ARG A 30 -14.30 -8.57 -16.18
C ARG A 30 -13.54 -7.26 -16.01
N ILE A 31 -12.56 -7.27 -15.12
CA ILE A 31 -11.77 -6.08 -14.83
C ILE A 31 -11.12 -5.58 -16.11
N VAL A 32 -10.49 -6.48 -16.83
CA VAL A 32 -9.84 -6.12 -18.11
C VAL A 32 -10.81 -5.46 -19.11
N GLN A 33 -12.01 -6.01 -19.23
CA GLN A 33 -12.98 -5.46 -20.18
C GLN A 33 -13.57 -4.13 -19.70
N LEU A 34 -13.90 -4.04 -18.42
CA LEU A 34 -14.36 -2.77 -17.85
C LEU A 34 -13.35 -1.64 -18.02
N PHE A 35 -12.09 -1.95 -17.75
CA PHE A 35 -11.02 -0.98 -17.94
C PHE A 35 -10.94 -0.50 -19.39
N GLU A 36 -10.81 -1.43 -20.32
CA GLU A 36 -10.66 -1.07 -21.72
C GLU A 36 -11.85 -0.24 -22.18
N LYS A 37 -13.04 -0.69 -21.81
CA LYS A 37 -14.28 0.00 -22.15
C LYS A 37 -14.27 1.44 -21.63
N ASN A 38 -13.72 1.64 -20.43
CA ASN A 38 -13.78 2.97 -19.80
C ASN A 38 -12.59 3.90 -20.06
N THR A 39 -11.54 3.38 -20.67
CA THR A 39 -10.41 4.23 -21.06
C THR A 39 -10.92 5.48 -21.79
N TYR A 40 -11.87 5.29 -22.70
CA TYR A 40 -12.34 6.41 -23.54
C TYR A 40 -12.95 7.58 -22.80
N SER A 41 -13.54 7.30 -21.64
CA SER A 41 -14.22 8.31 -20.85
C SER A 41 -13.27 9.03 -19.90
N VAL A 42 -12.05 8.50 -19.79
CA VAL A 42 -11.08 9.06 -18.85
C VAL A 42 -10.06 9.88 -19.63
N VAL A 43 -10.13 11.19 -19.46
CA VAL A 43 -9.28 12.10 -20.23
C VAL A 43 -8.04 12.50 -19.43
N ASN A 44 -7.09 13.09 -20.12
CA ASN A 44 -5.91 13.68 -19.48
C ASN A 44 -5.99 15.21 -19.49
N ILE A 45 -5.68 15.82 -18.35
CA ILE A 45 -5.70 17.27 -18.22
C ILE A 45 -4.34 17.80 -17.76
N PHE A 46 -3.75 18.67 -18.57
CA PHE A 46 -2.57 19.43 -18.18
C PHE A 46 -2.96 20.89 -17.91
N ASP A 47 -2.64 21.38 -16.70
CA ASP A 47 -2.82 22.79 -16.36
C ASP A 47 -1.91 23.63 -17.25
N VAL A 48 -2.50 24.54 -18.03
CA VAL A 48 -1.69 25.32 -18.97
C VAL A 48 -0.71 26.26 -18.28
N THR A 49 -0.91 26.53 -17.00
CA THR A 49 -0.06 27.50 -16.30
C THR A 49 1.20 26.87 -15.70
N LEU A 50 1.31 25.56 -15.81
CA LEU A 50 2.47 24.84 -15.29
C LEU A 50 3.50 24.54 -16.37
N ARG A 51 4.73 24.26 -15.95
CA ARG A 51 5.81 23.85 -16.85
C ARG A 51 6.46 22.57 -16.33
N PRO A 52 7.21 21.87 -17.20
CA PRO A 52 8.20 20.90 -16.70
C PRO A 52 9.62 21.39 -16.94
N GLY A 65 -0.48 19.98 -9.67
CA GLY A 65 -1.58 19.94 -10.63
C GLY A 65 -1.40 18.85 -11.67
N ASN A 66 -2.22 18.87 -12.73
CA ASN A 66 -2.20 17.85 -13.79
C ASN A 66 -2.70 16.51 -13.29
N GLY A 67 -3.39 15.78 -14.16
CA GLY A 67 -3.96 14.49 -13.78
C GLY A 67 -5.01 14.06 -14.77
N SER A 68 -6.09 13.49 -14.24
CA SER A 68 -7.13 12.91 -15.07
C SER A 68 -8.45 13.66 -14.92
N GLY A 69 -9.41 13.29 -15.77
CA GLY A 69 -10.75 13.82 -15.69
C GLY A 69 -11.70 12.83 -16.32
N VAL A 70 -12.97 13.19 -16.37
CA VAL A 70 -13.98 12.28 -16.84
C VAL A 70 -14.89 13.02 -17.85
N VAL A 71 -15.16 12.41 -19.00
CA VAL A 71 -16.13 12.97 -19.94
C VAL A 71 -17.53 12.90 -19.34
N TRP A 72 -18.10 14.06 -19.03
CA TRP A 72 -19.37 14.14 -18.30
C TRP A 72 -20.56 13.94 -19.25
N ASP A 73 -20.50 14.54 -20.42
CA ASP A 73 -21.58 14.38 -21.39
C ASP A 73 -21.14 14.58 -22.83
N GLY A 74 -22.09 14.43 -23.74
CA GLY A 74 -21.79 14.50 -25.16
C GLY A 74 -21.52 15.90 -25.66
N GLN A 75 -21.59 16.89 -24.77
CA GLN A 75 -21.39 18.27 -25.19
C GLN A 75 -19.96 18.74 -24.96
N GLY A 76 -19.13 17.88 -24.37
CA GLY A 76 -17.75 18.22 -24.12
C GLY A 76 -17.47 18.69 -22.70
N TYR A 77 -18.46 18.58 -21.82
CA TYR A 77 -18.23 18.90 -20.41
C TYR A 77 -17.31 17.86 -19.78
N ILE A 78 -16.26 18.34 -19.11
CA ILE A 78 -15.25 17.49 -18.51
C ILE A 78 -15.24 17.73 -17.01
N VAL A 79 -15.25 16.65 -16.22
CA VAL A 79 -15.22 16.79 -14.77
C VAL A 79 -13.88 16.33 -14.20
N THR A 80 -13.33 17.10 -13.26
CA THR A 80 -12.04 16.76 -12.64
C THR A 80 -11.98 17.35 -11.22
N ASN A 81 -10.87 17.13 -10.53
CA ASN A 81 -10.64 17.83 -9.27
C ASN A 81 -10.28 19.30 -9.51
N TYR A 82 -10.72 20.15 -8.59
CA TYR A 82 -10.29 21.53 -8.52
C TYR A 82 -8.77 21.51 -8.48
N HIS A 83 -8.21 20.59 -7.70
CA HIS A 83 -6.76 20.52 -7.54
C HIS A 83 -5.95 20.20 -8.80
N VAL A 84 -6.49 19.45 -9.77
CA VAL A 84 -5.67 19.14 -10.93
C VAL A 84 -5.40 20.40 -11.78
N ILE A 85 -6.32 21.37 -11.72
CA ILE A 85 -6.05 22.67 -12.33
C ILE A 85 -5.91 23.76 -11.29
N GLY A 86 -5.37 23.41 -10.13
CA GLY A 86 -5.31 24.31 -8.99
C GLY A 86 -4.49 25.57 -9.26
N ASN A 87 -3.36 25.38 -9.92
CA ASN A 87 -2.52 26.53 -10.22
C ASN A 87 -3.23 27.53 -11.13
N ALA A 88 -3.88 27.03 -12.17
CA ALA A 88 -4.62 27.92 -13.06
C ALA A 88 -5.76 28.63 -12.30
N LEU A 89 -6.45 27.90 -11.43
CA LEU A 89 -7.59 28.46 -10.72
C LEU A 89 -7.19 29.53 -9.71
N SER A 90 -5.96 29.43 -9.21
CA SER A 90 -5.45 30.39 -8.24
C SER A 90 -5.27 31.77 -8.88
N ARG A 91 -5.05 31.80 -10.18
CA ARG A 91 -4.80 33.08 -10.85
C ARG A 91 -6.09 33.78 -11.25
N ASN A 92 -7.19 33.42 -10.59
CA ASN A 92 -8.46 34.10 -10.80
C ASN A 92 -8.92 34.13 -12.26
N PRO A 93 -8.92 32.97 -12.94
CA PRO A 93 -9.38 32.98 -14.32
C PRO A 93 -10.89 33.18 -14.38
N SER A 94 -11.41 33.61 -15.53
CA SER A 94 -12.85 33.73 -15.71
C SER A 94 -13.39 32.57 -16.52
N PRO A 95 -14.68 32.25 -16.35
CA PRO A 95 -15.28 31.20 -17.18
C PRO A 95 -15.09 31.53 -18.66
N GLY A 96 -14.57 30.58 -19.41
CA GLY A 96 -14.26 30.80 -20.81
C GLY A 96 -12.77 30.76 -21.06
N ASP A 97 -11.98 31.06 -20.04
CA ASP A 97 -10.52 31.01 -20.15
C ASP A 97 -10.01 29.59 -20.36
N VAL A 98 -9.04 29.44 -21.25
CA VAL A 98 -8.37 28.14 -21.42
C VAL A 98 -7.41 27.87 -20.25
N VAL A 99 -7.75 26.90 -19.41
CA VAL A 99 -6.94 26.61 -18.24
C VAL A 99 -6.28 25.24 -18.34
N GLY A 100 -6.68 24.48 -19.34
CA GLY A 100 -6.14 23.14 -19.48
C GLY A 100 -5.98 22.70 -20.92
N ARG A 101 -5.04 21.79 -21.13
CA ARG A 101 -4.96 21.03 -22.37
C ARG A 101 -5.55 19.66 -22.07
N VAL A 102 -6.61 19.29 -22.80
CA VAL A 102 -7.29 18.04 -22.53
C VAL A 102 -7.02 17.00 -23.61
N ASN A 103 -6.52 15.84 -23.19
CA ASN A 103 -6.28 14.73 -24.11
C ASN A 103 -7.33 13.64 -23.99
N ILE A 104 -7.94 13.31 -25.12
CA ILE A 104 -9.02 12.32 -25.15
C ILE A 104 -8.72 11.17 -26.12
N LEU A 105 -8.84 9.95 -25.61
CA LEU A 105 -8.62 8.74 -26.38
C LEU A 105 -9.74 8.51 -27.40
N ALA A 106 -9.38 8.48 -28.69
CA ALA A 106 -10.34 8.19 -29.73
C ALA A 106 -10.37 6.68 -30.03
N SER A 107 -11.30 6.28 -30.90
CA SER A 107 -11.46 4.88 -31.27
C SER A 107 -10.27 4.33 -32.05
N ASP A 108 -9.52 5.19 -32.73
CA ASP A 108 -8.33 4.76 -33.45
C ASP A 108 -7.15 4.49 -32.50
N GLY A 109 -7.38 4.67 -31.21
CA GLY A 109 -6.36 4.35 -30.21
C GLY A 109 -5.30 5.41 -29.96
N VAL A 110 -5.46 6.59 -30.55
CA VAL A 110 -4.53 7.66 -30.24
C VAL A 110 -5.25 8.78 -29.49
N GLN A 111 -4.56 9.41 -28.55
CA GLN A 111 -5.19 10.53 -27.85
C GLN A 111 -5.09 11.85 -28.64
N LYS A 112 -6.23 12.49 -28.80
CA LYS A 112 -6.32 13.76 -29.52
C LYS A 112 -6.42 14.93 -28.53
N ASN A 113 -5.87 16.08 -28.91
CA ASN A 113 -5.73 17.21 -27.98
C ASN A 113 -6.78 18.32 -28.15
N PHE A 114 -7.29 18.85 -27.04
CA PHE A 114 -8.31 19.91 -27.08
C PHE A 114 -8.07 20.98 -26.02
N GLU A 115 -8.42 22.22 -26.35
CA GLU A 115 -8.42 23.28 -25.36
C GLU A 115 -9.51 23.01 -24.34
N GLY A 116 -9.18 23.14 -23.06
CA GLY A 116 -10.17 23.01 -22.00
C GLY A 116 -10.52 24.37 -21.43
N LYS A 117 -11.73 24.85 -21.72
CA LYS A 117 -12.16 26.15 -21.20
C LYS A 117 -12.84 25.96 -19.88
N LEU A 118 -12.57 26.88 -18.95
CA LEU A 118 -13.11 26.75 -17.60
C LEU A 118 -14.62 27.02 -17.58
N VAL A 119 -15.37 26.11 -16.98
CA VAL A 119 -16.81 26.26 -16.84
C VAL A 119 -17.15 26.74 -15.44
N GLY A 120 -16.62 26.05 -14.43
CA GLY A 120 -16.73 26.51 -13.07
C GLY A 120 -15.93 25.59 -12.17
N ALA A 121 -15.67 26.04 -10.95
CA ALA A 121 -14.88 25.26 -10.02
C ALA A 121 -15.51 25.41 -8.65
N ASP A 122 -15.38 24.40 -7.80
CA ASP A 122 -15.84 24.51 -6.42
C ASP A 122 -14.80 23.94 -5.48
N ARG A 123 -14.10 24.82 -4.78
CA ARG A 123 -13.00 24.39 -3.92
C ARG A 123 -13.45 23.48 -2.78
N ALA A 124 -14.60 23.81 -2.18
CA ALA A 124 -15.12 23.04 -1.04
C ALA A 124 -15.29 21.55 -1.34
N LYS A 125 -15.74 21.22 -2.54
CA LYS A 125 -15.87 19.80 -2.92
C LYS A 125 -14.75 19.32 -3.85
N ASP A 126 -13.73 20.14 -4.04
CA ASP A 126 -12.59 19.82 -4.92
C ASP A 126 -13.05 19.30 -6.27
N LEU A 127 -13.90 20.09 -6.94
CA LEU A 127 -14.36 19.74 -8.27
C LEU A 127 -14.26 20.91 -9.21
N ALA A 128 -13.93 20.61 -10.47
CA ALA A 128 -13.85 21.64 -11.51
C ALA A 128 -14.47 21.07 -12.76
N VAL A 129 -15.03 21.94 -13.58
CA VAL A 129 -15.62 21.51 -14.83
C VAL A 129 -15.00 22.30 -15.99
N LEU A 130 -14.51 21.59 -16.99
CA LEU A 130 -13.99 22.21 -18.21
C LEU A 130 -14.94 21.94 -19.36
N LYS A 131 -14.72 22.64 -20.46
CA LYS A 131 -15.56 22.46 -21.64
C LYS A 131 -14.64 22.33 -22.84
N VAL A 132 -14.82 21.24 -23.58
CA VAL A 132 -14.00 20.90 -24.76
C VAL A 132 -14.87 21.01 -26.00
N ASP A 133 -14.29 21.48 -27.11
CA ASP A 133 -15.02 21.57 -28.37
C ASP A 133 -14.66 20.38 -29.27
N ALA A 134 -15.48 19.33 -29.25
CA ALA A 134 -15.14 18.07 -29.92
C ALA A 134 -16.33 17.40 -30.60
N PRO A 135 -16.07 16.54 -31.59
CA PRO A 135 -17.17 15.82 -32.25
C PRO A 135 -17.88 14.90 -31.25
N GLU A 136 -19.19 15.02 -31.11
CA GLU A 136 -19.93 14.19 -30.16
C GLU A 136 -19.60 12.70 -30.37
N THR A 137 -19.14 12.39 -31.58
CA THR A 137 -18.76 11.05 -31.96
C THR A 137 -17.48 10.63 -31.25
N LEU A 138 -16.73 11.63 -30.80
CA LEU A 138 -15.49 11.37 -30.06
C LEU A 138 -15.79 11.10 -28.59
N LEU A 139 -16.78 11.81 -28.06
CA LEU A 139 -17.02 11.80 -26.62
C LEU A 139 -17.85 10.62 -26.15
N LYS A 140 -17.28 9.86 -25.21
CA LYS A 140 -17.95 8.74 -24.57
C LYS A 140 -18.19 9.09 -23.10
N PRO A 141 -19.38 9.64 -22.80
CA PRO A 141 -19.65 10.05 -21.42
C PRO A 141 -19.57 8.89 -20.44
N ILE A 142 -18.98 9.15 -19.29
CA ILE A 142 -18.91 8.16 -18.23
C ILE A 142 -20.34 7.82 -17.80
N LYS A 143 -20.57 6.57 -17.40
CA LYS A 143 -21.87 6.18 -16.82
C LYS A 143 -21.84 6.37 -15.31
N VAL A 144 -22.83 7.05 -14.78
CA VAL A 144 -22.82 7.41 -13.36
C VAL A 144 -23.82 6.61 -12.55
N GLY A 145 -23.38 6.08 -11.41
CA GLY A 145 -24.21 5.27 -10.54
C GLY A 145 -24.58 6.00 -9.25
N GLN A 146 -25.19 5.27 -8.32
CA GLN A 146 -25.65 5.85 -7.08
C GLN A 146 -24.70 5.54 -5.93
N SER A 147 -23.98 6.54 -5.44
CA SER A 147 -23.05 6.28 -4.35
C SER A 147 -23.75 5.99 -3.02
N ASN A 148 -25.01 6.41 -2.90
CA ASN A 148 -25.74 6.21 -1.65
C ASN A 148 -26.04 4.73 -1.33
N SER A 149 -25.95 3.86 -2.33
CA SER A 149 -26.26 2.45 -2.16
C SER A 149 -25.02 1.61 -1.95
N LEU A 150 -23.86 2.26 -1.91
CA LEU A 150 -22.57 1.55 -1.83
C LEU A 150 -22.43 0.77 -0.54
N LYS A 151 -21.78 -0.40 -0.62
CA LYS A 151 -21.53 -1.23 0.55
C LYS A 151 -20.04 -1.41 0.70
N VAL A 152 -19.55 -1.29 1.93
CA VAL A 152 -18.16 -1.58 2.22
C VAL A 152 -17.91 -3.04 1.83
N GLY A 153 -16.87 -3.26 1.05
CA GLY A 153 -16.53 -4.59 0.58
C GLY A 153 -16.70 -4.74 -0.91
N GLN A 154 -17.45 -3.82 -1.52
CA GLN A 154 -17.66 -3.88 -2.97
C GLN A 154 -16.35 -3.62 -3.70
N GLN A 155 -16.20 -4.25 -4.86
CA GLN A 155 -15.02 -4.09 -5.70
C GLN A 155 -15.08 -2.69 -6.31
N CYS A 156 -13.94 -2.03 -6.38
CA CYS A 156 -13.86 -0.76 -7.12
C CYS A 156 -12.59 -0.65 -7.97
N LEU A 157 -12.69 0.09 -9.07
CA LEU A 157 -11.55 0.31 -9.94
C LEU A 157 -11.28 1.80 -10.09
N ALA A 158 -10.04 2.20 -9.88
CA ALA A 158 -9.64 3.58 -10.03
C ALA A 158 -8.83 3.71 -11.32
N ILE A 159 -9.33 4.50 -12.26
CA ILE A 159 -8.70 4.63 -13.57
C ILE A 159 -8.12 6.04 -13.69
N GLY A 160 -6.94 6.14 -14.30
CA GLY A 160 -6.33 7.42 -14.59
C GLY A 160 -5.83 7.52 -16.02
N ASN A 161 -5.64 8.75 -16.46
CA ASN A 161 -4.96 9.01 -17.74
C ASN A 161 -4.07 10.19 -17.42
N PRO A 162 -2.96 9.91 -16.72
CA PRO A 162 -2.20 11.01 -16.09
C PRO A 162 -1.32 11.81 -17.03
N PHE A 163 -0.90 11.21 -18.15
CA PHE A 163 0.01 11.93 -19.06
C PHE A 163 -0.47 12.04 -20.50
N GLY A 164 -1.63 11.47 -20.80
CA GLY A 164 -2.22 11.64 -22.11
C GLY A 164 -1.66 10.68 -23.14
N PHE A 165 -0.94 9.66 -22.71
CA PHE A 165 -0.46 8.67 -23.68
C PHE A 165 -0.87 7.23 -23.35
N ASP A 166 -1.45 7.02 -22.17
CA ASP A 166 -1.98 5.70 -21.84
C ASP A 166 -2.96 5.81 -20.69
N HIS A 167 -3.31 4.67 -20.07
CA HIS A 167 -4.17 4.69 -18.90
C HIS A 167 -3.62 3.81 -17.79
N THR A 168 -4.06 4.07 -16.57
CA THR A 168 -3.61 3.33 -15.39
C THR A 168 -4.79 2.71 -14.69
N LEU A 169 -4.56 1.65 -13.92
CA LEU A 169 -5.64 1.07 -13.15
C LEU A 169 -5.12 0.65 -11.80
N THR A 170 -5.94 0.87 -10.77
CA THR A 170 -5.72 0.19 -9.49
C THR A 170 -7.05 -0.41 -9.05
N VAL A 171 -7.00 -1.42 -8.20
CA VAL A 171 -8.21 -2.13 -7.85
C VAL A 171 -8.17 -2.50 -6.37
N GLY A 172 -9.26 -2.25 -5.67
CA GLY A 172 -9.43 -2.72 -4.31
C GLY A 172 -10.89 -2.81 -3.97
N VAL A 173 -11.21 -2.59 -2.70
CA VAL A 173 -12.59 -2.59 -2.27
C VAL A 173 -12.98 -1.25 -1.69
N ILE A 174 -14.28 -1.02 -1.59
CA ILE A 174 -14.76 0.06 -0.77
C ILE A 174 -14.41 -0.28 0.69
N SER A 175 -13.64 0.61 1.32
CA SER A 175 -13.02 0.35 2.63
C SER A 175 -13.78 1.06 3.73
N GLY A 176 -14.42 2.18 3.39
CA GLY A 176 -15.15 2.95 4.37
C GLY A 176 -16.05 3.97 3.70
N LEU A 177 -17.05 4.46 4.42
CA LEU A 177 -17.99 5.37 3.80
C LEU A 177 -18.12 6.59 4.69
N ASN A 178 -18.49 7.71 4.08
CA ASN A 178 -18.71 8.94 4.82
C ASN A 178 -17.49 9.38 5.63
N ARG A 179 -16.30 9.33 5.01
CA ARG A 179 -15.05 9.68 5.67
C ARG A 179 -14.51 11.01 5.16
N ASP A 180 -13.85 11.78 6.02
CA ASP A 180 -13.31 13.07 5.58
C ASP A 180 -12.16 12.88 4.59
N ILE A 181 -12.17 13.69 3.53
CA ILE A 181 -11.11 13.65 2.54
C ILE A 181 -10.23 14.86 2.76
N PHE A 182 -8.98 14.63 3.13
CA PHE A 182 -8.07 15.74 3.37
C PHE A 182 -7.40 16.17 2.08
N SER A 183 -8.20 16.78 1.23
CA SER A 183 -7.87 17.07 -0.15
C SER A 183 -6.62 17.91 -0.25
N GLN A 184 -5.85 17.71 -1.31
CA GLN A 184 -4.66 18.52 -1.50
C GLN A 184 -5.03 19.96 -1.84
N THR A 185 -6.33 20.23 -1.91
CA THR A 185 -6.83 21.61 -1.98
C THR A 185 -6.54 22.38 -0.70
N GLY A 186 -6.34 21.65 0.39
CA GLY A 186 -6.22 22.27 1.71
C GLY A 186 -7.54 22.29 2.47
N VAL A 187 -8.60 21.80 1.84
CA VAL A 187 -9.95 21.90 2.40
C VAL A 187 -10.53 20.50 2.55
N THR A 188 -10.93 20.12 3.76
CA THR A 188 -11.44 18.76 3.91
C THR A 188 -12.88 18.62 3.43
N ILE A 189 -13.12 17.52 2.74
CA ILE A 189 -14.40 17.24 2.15
C ILE A 189 -15.06 16.15 2.96
N GLY A 190 -16.30 16.37 3.38
CA GLY A 190 -17.01 15.39 4.18
C GLY A 190 -17.77 14.44 3.29
N GLY A 191 -18.16 13.29 3.82
CA GLY A 191 -19.00 12.36 3.06
C GLY A 191 -18.25 11.56 2.00
N GLY A 192 -16.94 11.52 2.13
CA GLY A 192 -16.15 10.82 1.11
C GLY A 192 -16.16 9.30 1.17
N ILE A 193 -15.75 8.68 0.08
CA ILE A 193 -15.60 7.24 0.03
C ILE A 193 -14.14 6.89 0.33
N GLN A 194 -13.93 5.90 1.19
CA GLN A 194 -12.58 5.35 1.37
C GLN A 194 -12.42 4.03 0.61
N THR A 195 -11.30 3.86 -0.09
CA THR A 195 -11.06 2.59 -0.79
C THR A 195 -9.64 2.14 -0.49
N ASP A 196 -9.37 0.84 -0.61
CA ASP A 196 -7.99 0.39 -0.53
C ASP A 196 -7.36 0.16 -1.90
N ALA A 197 -8.05 0.53 -2.98
CA ALA A 197 -7.37 0.74 -4.26
C ALA A 197 -6.41 1.92 -4.10
N ALA A 198 -5.20 1.81 -4.64
CA ALA A 198 -4.25 2.89 -4.53
C ALA A 198 -4.77 4.13 -5.29
N ILE A 199 -4.78 5.26 -4.60
CA ILE A 199 -5.18 6.51 -5.20
C ILE A 199 -3.93 7.37 -5.22
N ASN A 200 -3.52 7.85 -6.39
CA ASN A 200 -2.25 8.51 -6.48
C ASN A 200 -2.24 9.55 -7.62
N PRO A 201 -1.11 10.21 -7.85
CA PRO A 201 -1.06 11.20 -8.95
C PRO A 201 -1.40 10.58 -10.30
N GLY A 202 -1.24 9.27 -10.41
CA GLY A 202 -1.51 8.57 -11.66
C GLY A 202 -2.99 8.33 -11.91
N ASN A 203 -3.84 8.62 -10.94
CA ASN A 203 -5.29 8.51 -11.16
C ASN A 203 -6.16 9.62 -10.52
N ALA A 204 -5.51 10.59 -9.90
CA ALA A 204 -6.21 11.72 -9.29
C ALA A 204 -7.03 12.46 -10.37
N GLY A 205 -8.29 12.80 -10.03
CA GLY A 205 -9.22 13.43 -10.96
C GLY A 205 -9.98 12.43 -11.84
N GLY A 206 -9.50 11.19 -11.86
CA GLY A 206 -10.13 10.13 -12.64
C GLY A 206 -11.26 9.48 -11.87
N PRO A 207 -11.96 8.54 -12.52
CA PRO A 207 -13.15 7.95 -11.92
C PRO A 207 -12.80 6.78 -11.03
N LEU A 208 -13.56 6.63 -9.96
CA LEU A 208 -13.65 5.39 -9.23
C LEU A 208 -14.89 4.67 -9.72
N LEU A 209 -14.73 3.44 -10.22
CA LEU A 209 -15.88 2.71 -10.76
C LEU A 209 -16.29 1.52 -9.86
N ASP A 210 -17.58 1.18 -9.87
CA ASP A 210 -18.00 -0.08 -9.24
C ASP A 210 -17.82 -1.26 -10.21
N SER A 211 -18.21 -2.46 -9.76
CA SER A 211 -18.03 -3.67 -10.55
C SER A 211 -18.89 -3.67 -11.81
N LYS A 212 -19.86 -2.77 -11.88
CA LYS A 212 -20.69 -2.67 -13.08
C LYS A 212 -20.15 -1.58 -14.01
N GLY A 213 -19.09 -0.93 -13.58
CA GLY A 213 -18.48 0.12 -14.36
C GLY A 213 -19.18 1.46 -14.25
N ASN A 214 -20.07 1.61 -13.28
CA ASN A 214 -20.66 2.91 -13.01
C ASN A 214 -19.75 3.78 -12.21
N LEU A 215 -19.73 5.06 -12.52
CA LEU A 215 -18.97 6.00 -11.70
C LEU A 215 -19.59 6.11 -10.31
N ILE A 216 -18.80 5.80 -9.29
CA ILE A 216 -19.25 5.96 -7.91
C ILE A 216 -18.48 7.07 -7.19
N GLY A 217 -17.41 7.59 -7.82
CA GLY A 217 -16.71 8.70 -7.23
C GLY A 217 -15.62 9.25 -8.13
N ILE A 218 -15.01 10.35 -7.72
CA ILE A 218 -13.82 10.89 -8.38
C ILE A 218 -12.59 10.72 -7.46
N ASN A 219 -11.61 9.94 -7.92
CA ASN A 219 -10.34 9.75 -7.21
C ASN A 219 -9.74 11.10 -6.79
N THR A 220 -9.46 11.26 -5.51
CA THR A 220 -9.04 12.55 -5.02
C THR A 220 -7.77 12.54 -4.19
N ALA A 221 -6.76 13.28 -4.66
CA ALA A 221 -5.48 13.33 -3.97
C ALA A 221 -5.63 13.98 -2.60
N ILE A 222 -4.91 13.46 -1.61
CA ILE A 222 -5.01 13.99 -0.24
C ILE A 222 -3.62 14.30 0.34
N PHE A 223 -3.61 15.02 1.45
CA PHE A 223 -2.41 15.13 2.28
C PHE A 223 -2.72 14.44 3.62
N THR A 224 -1.82 13.59 4.12
CA THR A 224 -2.00 13.04 5.48
C THR A 224 -1.24 13.87 6.51
N GLN A 225 -1.56 13.72 7.79
CA GLN A 225 -0.84 14.49 8.81
C GLN A 225 0.61 14.03 8.93
N THR A 226 0.84 12.72 8.85
CA THR A 226 2.18 12.15 8.89
C THR A 226 2.74 11.90 7.48
N GLY A 227 4.03 11.58 7.42
CA GLY A 227 4.61 11.02 6.22
C GLY A 227 4.54 9.51 6.40
N THR A 228 3.45 8.91 5.92
CA THR A 228 3.09 7.58 6.34
C THR A 228 1.81 7.18 5.61
N SER A 229 1.84 6.03 4.93
CA SER A 229 0.65 5.61 4.21
C SER A 229 -0.18 4.64 5.04
N ALA A 230 -1.46 4.97 5.15
CA ALA A 230 -2.40 4.10 5.82
C ALA A 230 -2.87 3.06 4.79
N GLY A 231 -2.37 3.16 3.56
CA GLY A 231 -2.73 2.22 2.53
C GLY A 231 -4.17 2.31 2.01
N VAL A 232 -4.84 3.44 2.29
CA VAL A 232 -6.16 3.67 1.71
C VAL A 232 -6.22 5.04 1.00
N GLY A 233 -7.14 5.16 0.05
CA GLY A 233 -7.29 6.39 -0.71
C GLY A 233 -8.74 6.82 -0.63
N PHE A 234 -9.07 7.92 -1.32
CA PHE A 234 -10.38 8.56 -1.21
C PHE A 234 -10.92 9.03 -2.54
N ALA A 235 -12.24 9.07 -2.63
CA ALA A 235 -12.95 9.65 -3.80
C ALA A 235 -14.17 10.44 -3.35
N ILE A 236 -14.44 11.54 -4.04
CA ILE A 236 -15.67 12.27 -3.84
C ILE A 236 -16.84 11.44 -4.36
N PRO A 237 -17.88 11.25 -3.54
CA PRO A 237 -18.96 10.36 -3.98
C PRO A 237 -19.73 10.93 -5.18
N SER A 238 -20.18 10.05 -6.07
CA SER A 238 -20.94 10.47 -7.24
C SER A 238 -22.19 11.28 -6.86
N SER A 239 -22.74 11.02 -5.67
CA SER A 239 -23.91 11.77 -5.23
C SER A 239 -23.55 13.24 -5.10
N THR A 240 -22.34 13.51 -4.64
CA THR A 240 -21.87 14.89 -4.57
C THR A 240 -21.61 15.44 -5.98
N VAL A 241 -20.87 14.68 -6.78
CA VAL A 241 -20.58 15.10 -8.15
C VAL A 241 -21.86 15.40 -8.93
N LEU A 242 -22.87 14.55 -8.74
CA LEU A 242 -24.15 14.72 -9.41
C LEU A 242 -24.83 16.03 -9.00
N LYS A 243 -24.53 16.47 -7.79
CA LYS A 243 -25.17 17.68 -7.27
C LYS A 243 -24.40 18.92 -7.68
N ILE A 244 -23.08 18.83 -7.64
CA ILE A 244 -22.22 20.00 -7.87
C ILE A 244 -22.03 20.35 -9.34
N VAL A 245 -21.86 19.34 -10.18
CA VAL A 245 -21.55 19.58 -11.57
C VAL A 245 -22.61 20.43 -12.31
N PRO A 246 -23.89 20.06 -12.21
CA PRO A 246 -24.90 20.85 -12.94
C PRO A 246 -24.95 22.31 -12.49
N GLN A 247 -24.65 22.56 -11.22
CA GLN A 247 -24.57 23.93 -10.70
C GLN A 247 -23.38 24.67 -11.31
N LEU A 248 -22.24 24.02 -11.40
CA LEU A 248 -21.08 24.64 -12.05
C LEU A 248 -21.36 24.91 -13.52
N ILE A 249 -22.06 23.99 -14.19
CA ILE A 249 -22.35 24.20 -15.58
C ILE A 249 -23.33 25.35 -15.75
N GLN A 250 -24.34 25.41 -14.89
CA GLN A 250 -25.37 26.43 -15.00
C GLN A 250 -24.91 27.78 -14.50
N PHE A 251 -24.17 27.79 -13.39
CA PHE A 251 -23.85 29.03 -12.67
C PHE A 251 -22.36 29.37 -12.56
N SER A 252 -21.49 28.40 -12.83
CA SER A 252 -20.03 28.57 -12.72
C SER A 252 -19.54 28.50 -11.28
N LYS A 253 -20.46 28.45 -10.32
CA LYS A 253 -20.06 28.32 -8.92
C LYS A 253 -21.18 27.74 -8.09
N VAL A 254 -20.87 27.31 -6.88
CA VAL A 254 -21.93 26.87 -5.98
C VAL A 254 -22.21 27.87 -4.87
N LEU A 255 -23.45 28.35 -4.80
CA LEU A 255 -23.89 29.18 -3.68
C LEU A 255 -24.39 28.30 -2.55
N ARG A 256 -23.85 28.47 -1.34
CA ARG A 256 -24.26 27.67 -0.18
C ARG A 256 -24.79 28.53 0.96
N ALA A 257 -25.94 28.15 1.51
CA ALA A 257 -26.46 28.83 2.68
C ALA A 257 -25.94 28.04 3.86
N GLY A 258 -25.57 28.71 4.94
CA GLY A 258 -25.07 27.96 6.08
C GLY A 258 -24.90 28.78 7.33
N ILE A 259 -24.06 28.27 8.21
CA ILE A 259 -23.77 28.94 9.47
C ILE A 259 -22.27 28.93 9.60
N ASN A 260 -21.67 30.11 9.79
CA ASN A 260 -20.24 30.17 9.99
C ASN A 260 -19.88 29.82 11.45
N ILE A 261 -19.56 28.55 11.65
CA ILE A 261 -19.11 28.03 12.95
C ILE A 261 -18.13 26.91 12.65
N GLU A 262 -17.43 26.44 13.68
CA GLU A 262 -16.53 25.31 13.51
C GLU A 262 -17.16 24.08 14.17
N LEU A 263 -17.34 23.01 13.40
CA LEU A 263 -17.93 21.78 13.91
C LEU A 263 -16.85 20.71 14.03
N ALA A 264 -16.96 19.87 15.05
CA ALA A 264 -15.97 18.82 15.29
C ALA A 264 -16.06 17.75 14.24
N PRO A 265 -14.90 17.31 13.72
CA PRO A 265 -14.89 16.14 12.85
C PRO A 265 -15.45 14.94 13.64
N ASP A 266 -16.08 13.99 12.94
CA ASP A 266 -16.73 12.85 13.61
C ASP A 266 -15.82 12.10 14.59
N PRO A 267 -14.56 11.86 14.19
CA PRO A 267 -13.65 11.13 15.08
C PRO A 267 -13.38 11.90 16.38
N VAL A 268 -13.36 13.22 16.30
CA VAL A 268 -13.17 14.06 17.47
C VAL A 268 -14.43 14.04 18.33
N ALA A 269 -15.59 14.22 17.71
CA ALA A 269 -16.85 14.22 18.46
C ALA A 269 -17.02 12.91 19.21
N ASN A 270 -16.86 11.79 18.51
CA ASN A 270 -17.04 10.50 19.18
C ASN A 270 -16.04 10.27 20.32
N GLN A 271 -14.78 10.66 20.10
CA GLN A 271 -13.80 10.62 21.18
C GLN A 271 -14.26 11.39 22.42
N LEU A 272 -15.08 12.43 22.22
CA LEU A 272 -15.62 13.22 23.34
C LEU A 272 -16.97 12.69 23.81
N ASN A 273 -17.31 11.49 23.35
CA ASN A 273 -18.57 10.82 23.70
C ASN A 273 -19.83 11.55 23.23
N VAL A 274 -19.71 12.28 22.12
CA VAL A 274 -20.87 12.83 21.43
C VAL A 274 -21.26 11.92 20.28
N ARG A 275 -22.20 11.03 20.52
CA ARG A 275 -22.49 9.95 19.58
C ARG A 275 -23.64 10.28 18.63
N ASN A 276 -24.36 11.35 18.94
CA ASN A 276 -25.37 11.84 18.00
C ASN A 276 -25.28 13.36 17.84
N GLY A 277 -25.41 13.82 16.60
CA GLY A 277 -25.46 15.24 16.32
C GLY A 277 -24.11 15.82 15.92
N ALA A 278 -24.11 17.10 15.61
CA ALA A 278 -22.90 17.83 15.24
C ALA A 278 -22.46 18.69 16.42
N LEU A 279 -21.23 18.48 16.88
CA LEU A 279 -20.71 19.23 18.04
C LEU A 279 -20.07 20.55 17.61
N VAL A 280 -20.55 21.65 18.18
CA VAL A 280 -19.97 22.96 17.93
C VAL A 280 -18.66 23.12 18.71
N LEU A 281 -17.55 23.21 17.99
CA LEU A 281 -16.27 23.49 18.64
C LEU A 281 -16.04 24.99 18.85
N GLN A 282 -15.90 25.72 17.75
CA GLN A 282 -15.60 27.16 17.81
C GLN A 282 -16.66 28.05 17.16
N VAL A 283 -16.91 29.19 17.80
CA VAL A 283 -17.88 30.17 17.32
C VAL A 283 -17.25 31.56 17.16
N PRO A 284 -16.89 31.92 15.92
CA PRO A 284 -16.22 33.20 15.62
C PRO A 284 -16.92 34.37 16.33
N GLY A 285 -16.14 35.30 16.87
CA GLY A 285 -16.69 36.43 17.59
C GLY A 285 -17.70 37.24 16.78
N LYS A 286 -18.73 37.73 17.47
CA LYS A 286 -19.82 38.50 16.86
C LYS A 286 -20.26 37.99 15.48
N SER A 287 -20.59 36.70 15.44
CA SER A 287 -21.16 36.05 14.26
C SER A 287 -22.67 35.92 14.46
N LEU A 288 -23.39 35.53 13.42
CA LEU A 288 -24.79 35.19 13.58
C LEU A 288 -24.96 34.09 14.65
N ALA A 289 -24.07 33.10 14.63
CA ALA A 289 -24.09 32.01 15.60
C ALA A 289 -23.98 32.55 17.02
N GLU A 290 -23.00 33.40 17.26
CA GLU A 290 -22.84 34.02 18.58
C GLU A 290 -24.09 34.80 19.01
N LYS A 291 -24.57 35.70 18.15
CA LYS A 291 -25.73 36.50 18.48
C LYS A 291 -26.95 35.64 18.74
N ALA A 292 -27.04 34.50 18.05
CA ALA A 292 -28.13 33.55 18.28
C ALA A 292 -27.95 32.79 19.61
N GLY A 293 -26.74 32.81 20.15
CA GLY A 293 -26.49 32.20 21.45
C GLY A 293 -25.93 30.79 21.41
N LEU A 294 -25.35 30.41 20.28
CA LEU A 294 -24.73 29.10 20.16
C LEU A 294 -23.43 29.10 20.98
N HIS A 295 -23.26 28.09 21.83
CA HIS A 295 -22.05 28.03 22.66
C HIS A 295 -21.04 27.03 22.11
N PRO A 296 -19.76 27.41 22.13
CA PRO A 296 -18.67 26.57 21.62
C PRO A 296 -18.14 25.66 22.73
N THR A 297 -17.00 25.03 22.47
CA THR A 297 -16.41 24.01 23.33
C THR A 297 -15.05 24.48 23.89
N SER A 298 -14.90 24.40 25.21
CA SER A 298 -13.69 24.89 25.89
C SER A 298 -13.15 23.93 26.94
N ARG A 299 -11.86 23.61 26.84
CA ARG A 299 -11.15 22.84 27.85
C ARG A 299 -10.64 23.75 28.96
N GLY A 300 -11.23 23.64 30.14
CA GLY A 300 -10.88 24.49 31.27
C GLY A 300 -9.51 24.19 31.84
N PHE A 301 -9.00 25.12 32.63
CA PHE A 301 -7.64 25.01 33.17
C PHE A 301 -7.47 23.79 34.08
N ALA A 302 -8.47 23.51 34.92
CA ALA A 302 -8.47 22.22 35.60
C ALA A 302 -8.43 21.16 34.50
N GLY A 303 -9.51 21.08 33.73
CA GLY A 303 -9.62 20.14 32.62
C GLY A 303 -11.07 19.75 32.34
N ASN A 304 -12.00 20.35 33.06
CA ASN A 304 -13.41 19.93 33.03
C ASN A 304 -14.21 20.47 31.85
N ILE A 305 -14.43 19.63 30.84
CA ILE A 305 -15.07 20.03 29.59
C ILE A 305 -16.56 20.31 29.70
N VAL A 306 -16.95 21.54 29.36
CA VAL A 306 -18.33 21.81 29.01
C VAL A 306 -18.38 21.58 27.51
N LEU A 307 -19.34 20.78 27.06
CA LEU A 307 -19.40 20.51 25.64
C LEU A 307 -20.09 21.70 24.98
N GLY A 308 -19.50 22.21 23.90
CA GLY A 308 -20.18 23.20 23.09
C GLY A 308 -21.54 22.62 22.77
N ASP A 309 -22.46 23.45 22.29
CA ASP A 309 -23.78 22.95 21.92
C ASP A 309 -23.67 21.82 20.90
N ILE A 310 -24.64 20.93 20.90
CA ILE A 310 -24.67 19.83 19.97
C ILE A 310 -25.95 19.92 19.16
N ILE A 311 -25.80 20.04 17.84
CA ILE A 311 -26.94 20.25 16.97
C ILE A 311 -27.54 18.91 16.55
N VAL A 312 -28.77 18.65 16.98
CA VAL A 312 -29.40 17.33 16.77
C VAL A 312 -30.51 17.39 15.74
N ALA A 313 -31.01 18.60 15.48
CA ALA A 313 -32.08 18.78 14.52
C ALA A 313 -32.06 20.19 13.89
N VAL A 314 -32.30 20.26 12.59
CA VAL A 314 -32.56 21.54 11.95
C VAL A 314 -34.05 21.67 11.66
N ASP A 315 -34.71 22.57 12.39
CA ASP A 315 -36.16 22.64 12.33
C ASP A 315 -36.68 21.33 12.92
N ASP A 316 -37.19 20.46 12.05
CA ASP A 316 -37.71 19.17 12.47
C ASP A 316 -36.70 18.05 12.24
N LYS A 317 -36.08 18.06 11.06
CA LYS A 317 -35.25 16.95 10.57
C LYS A 317 -33.99 16.67 11.38
N PRO A 318 -33.86 15.43 11.87
CA PRO A 318 -32.76 14.98 12.74
C PRO A 318 -31.39 15.03 12.06
N VAL A 319 -30.37 15.36 12.84
CA VAL A 319 -28.99 15.45 12.37
C VAL A 319 -28.12 14.44 13.11
N LYS A 320 -27.59 13.47 12.37
CA LYS A 320 -26.79 12.39 12.95
C LYS A 320 -25.36 12.84 13.27
N ASN A 321 -24.77 13.62 12.36
CA ASN A 321 -23.40 14.07 12.50
C ASN A 321 -23.14 15.33 11.70
N LYS A 322 -21.88 15.72 11.63
CA LYS A 322 -21.47 16.95 10.95
C LYS A 322 -21.79 16.94 9.46
N ALA A 323 -21.47 15.83 8.79
CA ALA A 323 -21.65 15.68 7.36
C ALA A 323 -23.11 15.87 7.00
N GLU A 324 -23.98 15.29 7.83
CA GLU A 324 -25.41 15.38 7.61
C GLU A 324 -25.94 16.79 7.81
N LEU A 325 -25.44 17.50 8.84
CA LEU A 325 -25.85 18.88 9.03
C LEU A 325 -25.52 19.70 7.77
N MET A 326 -24.29 19.59 7.30
CA MET A 326 -23.89 20.31 6.09
C MET A 326 -24.82 19.95 4.92
N LYS A 327 -25.00 18.65 4.69
CA LYS A 327 -25.88 18.19 3.63
C LYS A 327 -27.29 18.79 3.76
N ILE A 328 -27.81 18.81 4.97
CA ILE A 328 -29.16 19.34 5.20
C ILE A 328 -29.22 20.84 4.90
N LEU A 329 -28.22 21.56 5.38
CA LEU A 329 -28.18 23.02 5.20
C LEU A 329 -28.07 23.40 3.74
N ASP A 330 -27.31 22.60 2.98
CA ASP A 330 -27.06 22.88 1.56
C ASP A 330 -28.35 22.92 0.71
N GLU A 331 -29.46 22.49 1.30
CA GLU A 331 -30.74 22.47 0.56
C GLU A 331 -31.63 23.66 0.92
N TYR A 332 -31.24 24.39 1.96
CA TYR A 332 -31.89 25.66 2.29
C TYR A 332 -31.37 26.80 1.42
N SER A 333 -31.98 27.97 1.54
CA SER A 333 -31.54 29.15 0.81
C SER A 333 -31.04 30.23 1.77
N VAL A 334 -30.20 31.13 1.24
CA VAL A 334 -29.64 32.22 2.02
C VAL A 334 -30.66 33.01 2.86
N GLY A 335 -31.87 33.23 2.34
CA GLY A 335 -32.84 33.90 3.19
C GLY A 335 -33.22 33.18 4.50
N ASP A 336 -33.23 31.86 4.45
CA ASP A 336 -33.98 31.03 5.40
C ASP A 336 -33.65 31.19 6.90
N LYS A 337 -34.68 31.33 7.72
CA LYS A 337 -34.54 31.22 9.17
C LYS A 337 -34.90 29.79 9.62
N VAL A 338 -34.00 29.14 10.34
CA VAL A 338 -34.22 27.78 10.82
C VAL A 338 -34.19 27.69 12.34
N THR A 339 -34.78 26.62 12.88
CA THR A 339 -34.73 26.37 14.32
C THR A 339 -33.81 25.20 14.58
N LEU A 340 -32.76 25.43 15.38
CA LEU A 340 -31.82 24.36 15.69
C LEU A 340 -32.18 23.74 17.03
N LYS A 341 -32.44 22.43 17.04
CA LYS A 341 -32.62 21.76 18.33
C LYS A 341 -31.23 21.36 18.84
N ILE A 342 -30.85 21.90 19.99
CA ILE A 342 -29.50 21.64 20.48
C ILE A 342 -29.43 21.00 21.87
N LYS A 343 -28.39 20.19 22.08
CA LYS A 343 -28.08 19.62 23.38
C LYS A 343 -26.98 20.47 24.03
N ARG A 344 -27.33 21.14 25.12
CA ARG A 344 -26.38 21.97 25.87
C ARG A 344 -26.11 21.28 27.21
N GLY A 345 -25.14 20.38 27.24
CA GLY A 345 -24.93 19.57 28.44
C GLY A 345 -26.04 18.53 28.57
N ASN A 346 -26.88 18.66 29.59
CA ASN A 346 -27.96 17.69 29.75
C ASN A 346 -29.26 18.13 29.12
N GLU A 347 -29.49 19.43 29.07
CA GLU A 347 -30.80 19.95 28.70
C GLU A 347 -31.00 20.09 27.20
N ASP A 348 -32.24 19.94 26.76
CA ASP A 348 -32.60 20.08 25.36
C ASP A 348 -33.17 21.48 25.13
N LEU A 349 -32.55 22.23 24.21
CA LEU A 349 -32.92 23.64 23.99
C LEU A 349 -33.03 23.99 22.52
N GLU A 350 -33.61 25.15 22.23
CA GLU A 350 -33.80 25.62 20.85
C GLU A 350 -33.28 27.03 20.61
N LEU A 351 -32.44 27.18 19.58
CA LEU A 351 -31.96 28.49 19.16
C LEU A 351 -32.28 28.67 17.68
N LYS A 352 -32.72 29.87 17.31
CA LYS A 352 -33.11 30.15 15.93
C LYS A 352 -32.04 31.02 15.27
N ILE A 353 -31.87 30.84 13.96
CA ILE A 353 -30.80 31.53 13.24
C ILE A 353 -31.12 31.68 11.77
N SER A 354 -30.73 32.81 11.20
CA SER A 354 -30.87 33.01 9.78
C SER A 354 -29.62 32.43 9.12
N LEU A 355 -29.81 31.74 8.00
CA LEU A 355 -28.70 31.25 7.21
C LEU A 355 -28.18 32.39 6.34
N GLU A 356 -26.87 32.42 6.11
CA GLU A 356 -26.26 33.43 5.25
C GLU A 356 -25.30 32.66 4.37
N GLU A 357 -24.70 33.34 3.40
CA GLU A 357 -23.81 32.64 2.50
C GLU A 357 -22.67 31.98 3.26
N LYS A 358 -22.58 30.66 3.12
CA LYS A 358 -21.54 29.86 3.76
C LYS A 358 -20.25 30.01 2.96
N SER A 359 -19.41 30.93 3.41
CA SER A 359 -18.19 31.29 2.70
C SER A 359 -16.96 30.59 3.26
N SER A 360 -16.86 30.58 4.59
CA SER A 360 -15.72 29.95 5.27
C SER A 360 -15.39 28.56 4.73
N LEU A 361 -14.09 28.27 4.61
CA LEU A 361 -13.65 26.95 4.20
C LEU A 361 -12.97 26.20 5.34
N GLU A 362 -13.15 24.88 5.35
CA GLU A 362 -12.61 24.03 6.41
C GLU A 362 -11.19 23.60 6.09
N HIS A 363 -10.22 24.34 6.61
CA HIS A 363 -8.83 24.04 6.31
C HIS A 363 -8.26 23.02 7.29
N HIS A 364 -7.92 21.83 6.79
CA HIS A 364 -7.07 20.94 7.55
C HIS A 364 -5.70 21.56 7.27
N HIS A 365 -4.69 21.22 8.03
CA HIS A 365 -3.39 21.78 7.72
C HIS A 365 -2.35 20.67 7.54
N HIS A 366 -2.75 19.62 6.85
CA HIS A 366 -1.85 18.52 6.53
C HIS A 366 -0.99 18.92 5.34
N HIS A 367 0.22 18.35 5.26
CA HIS A 367 1.08 18.61 4.11
C HIS A 367 1.88 17.38 3.71
N PRO B 16 -12.62 -22.11 24.20
CA PRO B 16 -13.23 -21.45 23.04
C PRO B 16 -13.07 -22.31 21.78
N THR B 17 -14.13 -22.41 20.99
CA THR B 17 -14.15 -23.29 19.82
C THR B 17 -13.26 -22.79 18.68
N VAL B 18 -12.44 -23.69 18.14
CA VAL B 18 -11.51 -23.36 17.05
C VAL B 18 -11.88 -24.11 15.76
N PHE B 19 -12.36 -23.38 14.76
CA PHE B 19 -12.76 -23.97 13.50
C PHE B 19 -11.57 -24.32 12.61
N PRO B 20 -11.55 -25.56 12.09
CA PRO B 20 -10.43 -26.07 11.26
C PRO B 20 -10.40 -25.45 9.87
N ALA B 21 -9.23 -25.48 9.22
CA ALA B 21 -9.12 -25.04 7.83
C ALA B 21 -10.09 -25.84 6.97
N GLY B 22 -11.01 -25.13 6.31
CA GLY B 22 -11.96 -25.75 5.41
C GLY B 22 -11.59 -25.44 3.98
N PRO B 23 -12.38 -25.94 3.02
CA PRO B 23 -12.12 -25.67 1.61
C PRO B 23 -12.05 -24.17 1.31
N LEU B 24 -11.26 -23.82 0.31
CA LEU B 24 -11.03 -22.43 -0.05
C LEU B 24 -11.96 -22.08 -1.20
N PHE B 25 -12.27 -20.80 -1.36
CA PHE B 25 -13.03 -20.38 -2.53
C PHE B 25 -12.18 -20.42 -3.80
N PRO B 26 -12.83 -20.43 -4.98
CA PRO B 26 -12.12 -20.67 -6.24
C PRO B 26 -10.92 -19.77 -6.46
N THR B 27 -11.08 -18.46 -6.33
CA THR B 27 -9.97 -17.59 -6.68
C THR B 27 -8.80 -17.75 -5.71
N GLU B 28 -9.07 -17.68 -4.41
CA GLU B 28 -7.98 -17.78 -3.45
C GLU B 28 -7.38 -19.19 -3.53
N GLY B 29 -8.21 -20.17 -3.83
CA GLY B 29 -7.74 -21.54 -3.97
C GLY B 29 -6.68 -21.63 -5.05
N ARG B 30 -6.94 -21.00 -6.20
CA ARG B 30 -6.02 -21.04 -7.33
C ARG B 30 -4.71 -20.32 -7.01
N ILE B 31 -4.81 -19.22 -6.28
CA ILE B 31 -3.63 -18.45 -5.88
C ILE B 31 -2.76 -19.27 -4.93
N VAL B 32 -3.40 -19.88 -3.93
CA VAL B 32 -2.71 -20.80 -3.03
C VAL B 32 -1.95 -21.88 -3.79
N GLN B 33 -2.58 -22.46 -4.81
CA GLN B 33 -1.95 -23.52 -5.58
C GLN B 33 -0.82 -22.97 -6.43
N LEU B 34 -1.05 -21.81 -7.05
CA LEU B 34 -0.04 -21.21 -7.91
C LEU B 34 1.20 -20.87 -7.11
N PHE B 35 0.97 -20.31 -5.93
CA PHE B 35 2.07 -19.93 -5.06
C PHE B 35 2.88 -21.15 -4.65
N GLU B 36 2.21 -22.13 -4.06
CA GLU B 36 2.88 -23.36 -3.63
C GLU B 36 3.72 -23.95 -4.76
N LYS B 37 3.11 -24.17 -5.91
CA LYS B 37 3.81 -24.78 -7.02
C LYS B 37 5.05 -23.99 -7.46
N ASN B 38 4.97 -22.66 -7.42
CA ASN B 38 6.09 -21.86 -7.91
C ASN B 38 7.17 -21.53 -6.89
N THR B 39 6.91 -21.80 -5.60
CA THR B 39 7.92 -21.54 -4.58
C THR B 39 9.28 -22.15 -4.98
N TYR B 40 9.27 -23.39 -5.44
CA TYR B 40 10.53 -24.10 -5.78
C TYR B 40 11.39 -23.37 -6.79
N SER B 41 10.74 -22.61 -7.67
CA SER B 41 11.43 -21.92 -8.74
C SER B 41 11.97 -20.58 -8.30
N VAL B 42 11.63 -20.17 -7.08
CA VAL B 42 12.05 -18.86 -6.55
C VAL B 42 13.14 -19.05 -5.49
N VAL B 43 14.35 -18.58 -5.81
CA VAL B 43 15.49 -18.80 -4.93
C VAL B 43 15.80 -17.56 -4.08
N ASN B 44 16.58 -17.76 -3.04
CA ASN B 44 17.06 -16.66 -2.20
C ASN B 44 18.52 -16.43 -2.51
N ILE B 45 18.93 -15.17 -2.53
CA ILE B 45 20.30 -14.81 -2.87
C ILE B 45 20.87 -13.87 -1.82
N PHE B 46 21.98 -14.27 -1.22
CA PHE B 46 22.72 -13.38 -0.32
C PHE B 46 24.02 -12.91 -0.98
N ASP B 47 24.21 -11.59 -1.04
CA ASP B 47 25.45 -11.00 -1.57
C ASP B 47 26.59 -11.26 -0.59
N VAL B 48 27.51 -12.14 -0.97
CA VAL B 48 28.55 -12.60 -0.04
C VAL B 48 29.52 -11.50 0.39
N THR B 49 29.46 -10.34 -0.24
CA THR B 49 30.41 -9.26 0.08
C THR B 49 29.92 -8.44 1.26
N LEU B 50 28.71 -8.73 1.71
CA LEU B 50 28.12 -8.00 2.81
C LEU B 50 28.39 -8.70 4.15
N ARG B 51 29.21 -8.08 4.99
CA ARG B 51 29.33 -8.52 6.38
C ARG B 51 28.04 -8.13 7.09
N PRO B 52 27.25 -9.13 7.53
CA PRO B 52 25.96 -8.85 8.16
C PRO B 52 26.14 -8.19 9.53
N GLN B 53 25.03 -7.92 10.22
CA GLN B 53 25.11 -7.45 11.61
C GLN B 53 24.96 -8.64 12.56
N LEU B 54 26.09 -9.16 13.03
CA LEU B 54 26.10 -10.38 13.84
C LEU B 54 25.88 -10.13 15.35
N LYS B 55 25.22 -9.02 15.66
CA LYS B 55 24.75 -8.73 17.01
C LYS B 55 23.47 -7.90 16.98
N GLY B 65 21.43 -4.83 -0.57
CA GLY B 65 21.47 -6.05 -1.36
C GLY B 65 20.63 -7.20 -0.79
N ASN B 66 20.80 -8.38 -1.40
CA ASN B 66 20.10 -9.60 -1.00
C ASN B 66 18.65 -9.59 -1.42
N GLY B 67 18.12 -10.76 -1.75
CA GLY B 67 16.75 -10.86 -2.22
C GLY B 67 16.46 -12.19 -2.88
N SER B 68 15.70 -12.14 -3.96
CA SER B 68 15.24 -13.35 -4.61
C SER B 68 15.80 -13.46 -6.01
N GLY B 69 15.63 -14.63 -6.59
CA GLY B 69 16.04 -14.91 -7.95
C GLY B 69 15.14 -16.00 -8.46
N VAL B 70 15.26 -16.31 -9.75
CA VAL B 70 14.37 -17.28 -10.37
C VAL B 70 15.22 -18.35 -11.06
N VAL B 71 14.82 -19.62 -10.95
CA VAL B 71 15.52 -20.67 -11.67
C VAL B 71 15.21 -20.58 -13.16
N TRP B 72 16.21 -20.25 -13.95
CA TRP B 72 16.04 -19.98 -15.37
C TRP B 72 15.95 -21.26 -16.22
N ASP B 73 16.78 -22.25 -15.90
CA ASP B 73 16.77 -23.51 -16.63
C ASP B 73 17.38 -24.65 -15.83
N GLY B 74 17.34 -25.86 -16.39
CA GLY B 74 17.86 -27.03 -15.71
C GLY B 74 19.37 -27.07 -15.56
N GLN B 75 20.06 -26.08 -16.11
CA GLN B 75 21.52 -26.05 -16.06
C GLN B 75 22.04 -25.40 -14.78
N GLY B 76 21.16 -24.71 -14.06
CA GLY B 76 21.57 -24.07 -12.82
C GLY B 76 21.73 -22.57 -12.97
N TYR B 77 21.34 -22.04 -14.12
CA TYR B 77 21.37 -20.59 -14.33
C TYR B 77 20.29 -19.92 -13.50
N ILE B 78 20.67 -18.84 -12.81
CA ILE B 78 19.76 -18.11 -11.94
C ILE B 78 19.62 -16.66 -12.37
N VAL B 79 18.39 -16.17 -12.48
CA VAL B 79 18.16 -14.79 -12.88
C VAL B 79 17.71 -13.93 -11.70
N THR B 80 18.35 -12.78 -11.51
CA THR B 80 17.98 -11.85 -10.44
C THR B 80 18.17 -10.40 -10.90
N ASN B 81 17.94 -9.42 -10.02
CA ASN B 81 18.29 -8.04 -10.35
C ASN B 81 19.78 -7.79 -10.15
N TYR B 82 20.35 -6.92 -10.98
CA TYR B 82 21.71 -6.43 -10.79
C TYR B 82 21.81 -5.96 -9.35
N HIS B 83 20.79 -5.21 -8.91
CA HIS B 83 20.82 -4.59 -7.58
C HIS B 83 20.92 -5.58 -6.42
N VAL B 84 20.31 -6.76 -6.50
CA VAL B 84 20.36 -7.64 -5.32
C VAL B 84 21.80 -8.10 -5.04
N ILE B 85 22.66 -8.08 -6.04
CA ILE B 85 24.08 -8.29 -5.80
C ILE B 85 24.91 -7.05 -6.17
N GLY B 86 24.27 -5.89 -6.02
CA GLY B 86 24.86 -4.61 -6.37
C GLY B 86 26.21 -4.37 -5.72
N ASN B 87 26.31 -4.59 -4.41
CA ASN B 87 27.56 -4.33 -3.71
C ASN B 87 28.69 -5.19 -4.27
N ALA B 88 28.38 -6.47 -4.54
CA ALA B 88 29.38 -7.38 -5.09
C ALA B 88 29.81 -6.96 -6.51
N LEU B 89 28.86 -6.54 -7.33
CA LEU B 89 29.17 -6.11 -8.69
C LEU B 89 29.92 -4.78 -8.69
N SER B 90 29.86 -4.05 -7.58
CA SER B 90 30.58 -2.79 -7.43
C SER B 90 32.07 -3.05 -7.24
N ARG B 91 32.43 -4.33 -7.09
CA ARG B 91 33.82 -4.68 -6.89
C ARG B 91 34.46 -5.29 -8.13
N ASN B 92 33.86 -5.03 -9.28
CA ASN B 92 34.42 -5.42 -10.58
C ASN B 92 34.76 -6.91 -10.67
N PRO B 93 33.77 -7.79 -10.43
CA PRO B 93 34.07 -9.22 -10.52
C PRO B 93 34.06 -9.73 -11.96
N SER B 94 34.83 -10.79 -12.23
CA SER B 94 34.80 -11.46 -13.51
C SER B 94 33.90 -12.69 -13.42
N PRO B 95 33.38 -13.15 -14.57
CA PRO B 95 32.59 -14.39 -14.62
C PRO B 95 33.33 -15.52 -13.93
N GLY B 96 32.61 -16.31 -13.15
CA GLY B 96 33.21 -17.41 -12.41
C GLY B 96 33.42 -17.05 -10.95
N ASP B 97 33.60 -15.77 -10.66
CA ASP B 97 33.77 -15.33 -9.29
C ASP B 97 32.51 -15.62 -8.47
N VAL B 98 32.70 -16.26 -7.32
CA VAL B 98 31.57 -16.54 -6.43
C VAL B 98 31.05 -15.23 -5.86
N VAL B 99 29.82 -14.90 -6.23
CA VAL B 99 29.33 -13.56 -5.96
C VAL B 99 28.05 -13.60 -5.12
N GLY B 100 27.48 -14.78 -4.98
CA GLY B 100 26.27 -14.94 -4.20
C GLY B 100 26.16 -16.29 -3.53
N ARG B 101 25.37 -16.33 -2.46
CA ARG B 101 24.95 -17.56 -1.83
C ARG B 101 23.52 -17.78 -2.26
N VAL B 102 23.23 -18.95 -2.80
CA VAL B 102 21.89 -19.21 -3.32
C VAL B 102 21.19 -20.30 -2.54
N ASN B 103 20.00 -19.99 -2.05
CA ASN B 103 19.19 -20.99 -1.37
C ASN B 103 18.04 -21.46 -2.23
N ILE B 104 18.01 -22.76 -2.50
CA ILE B 104 16.99 -23.36 -3.35
C ILE B 104 16.13 -24.33 -2.54
N LEU B 105 14.81 -24.14 -2.57
CA LEU B 105 13.87 -25.02 -1.92
C LEU B 105 13.77 -26.38 -2.62
N ALA B 106 14.00 -27.46 -1.88
CA ALA B 106 13.85 -28.78 -2.46
C ALA B 106 12.48 -29.40 -2.13
N SER B 107 12.12 -30.47 -2.83
CA SER B 107 10.87 -31.18 -2.57
C SER B 107 10.76 -31.54 -1.09
N ASP B 108 11.90 -31.84 -0.47
CA ASP B 108 11.95 -32.16 0.95
C ASP B 108 11.38 -31.02 1.80
N GLY B 109 11.11 -29.88 1.17
CA GLY B 109 10.57 -28.73 1.87
C GLY B 109 11.63 -27.87 2.54
N VAL B 110 12.88 -28.31 2.44
CA VAL B 110 13.99 -27.57 3.06
C VAL B 110 14.83 -26.90 1.97
N GLN B 111 15.36 -25.72 2.27
CA GLN B 111 16.17 -25.00 1.31
C GLN B 111 17.64 -25.39 1.42
N LYS B 112 18.25 -25.71 0.27
CA LYS B 112 19.64 -26.13 0.20
C LYS B 112 20.52 -24.99 -0.35
N ASN B 113 21.71 -24.85 0.22
CA ASN B 113 22.59 -23.73 -0.06
C ASN B 113 23.67 -24.03 -1.10
N PHE B 114 23.79 -23.17 -2.10
CA PHE B 114 24.73 -23.36 -3.20
C PHE B 114 25.56 -22.12 -3.46
N GLU B 115 26.73 -22.33 -4.07
CA GLU B 115 27.58 -21.24 -4.52
C GLU B 115 26.99 -20.61 -5.77
N GLY B 116 26.76 -19.31 -5.73
CA GLY B 116 26.35 -18.59 -6.92
C GLY B 116 27.52 -17.90 -7.61
N LYS B 117 28.04 -18.52 -8.67
CA LYS B 117 29.13 -17.89 -9.41
C LYS B 117 28.55 -16.94 -10.45
N LEU B 118 29.22 -15.81 -10.65
CA LEU B 118 28.72 -14.79 -11.58
C LEU B 118 28.82 -15.28 -13.01
N VAL B 119 27.73 -15.10 -13.76
CA VAL B 119 27.72 -15.41 -15.19
C VAL B 119 27.84 -14.14 -16.02
N GLY B 120 27.04 -13.13 -15.67
CA GLY B 120 27.05 -11.87 -16.38
C GLY B 120 26.10 -10.91 -15.69
N ALA B 121 26.21 -9.63 -16.01
CA ALA B 121 25.32 -8.64 -15.43
C ALA B 121 25.10 -7.48 -16.39
N ASP B 122 23.95 -6.84 -16.26
CA ASP B 122 23.64 -5.66 -17.07
C ASP B 122 22.92 -4.60 -16.23
N ARG B 123 23.63 -3.53 -15.91
CA ARG B 123 23.11 -2.50 -15.03
C ARG B 123 21.95 -1.75 -15.67
N ALA B 124 22.00 -1.58 -16.99
CA ALA B 124 20.97 -0.78 -17.68
C ALA B 124 19.59 -1.41 -17.54
N LYS B 125 19.55 -2.73 -17.40
CA LYS B 125 18.27 -3.42 -17.28
C LYS B 125 18.11 -4.04 -15.91
N ASP B 126 19.07 -3.77 -15.04
CA ASP B 126 19.02 -4.27 -13.67
C ASP B 126 18.79 -5.78 -13.69
N LEU B 127 19.58 -6.48 -14.49
CA LEU B 127 19.51 -7.94 -14.53
C LEU B 127 20.90 -8.53 -14.31
N ALA B 128 20.93 -9.64 -13.58
CA ALA B 128 22.19 -10.34 -13.36
C ALA B 128 21.92 -11.83 -13.47
N VAL B 129 22.89 -12.57 -13.98
CA VAL B 129 22.75 -14.02 -14.04
C VAL B 129 23.83 -14.72 -13.21
N LEU B 130 23.39 -15.68 -12.40
CA LEU B 130 24.30 -16.54 -11.65
C LEU B 130 24.20 -17.97 -12.16
N LYS B 131 25.21 -18.77 -11.88
CA LYS B 131 25.14 -20.18 -12.19
C LYS B 131 25.39 -20.99 -10.93
N VAL B 132 24.58 -22.02 -10.75
CA VAL B 132 24.67 -22.88 -9.59
C VAL B 132 25.06 -24.28 -10.05
N ASP B 133 25.82 -24.98 -9.22
CA ASP B 133 26.14 -26.39 -9.47
C ASP B 133 25.19 -27.28 -8.66
N ALA B 134 24.07 -27.67 -9.26
CA ALA B 134 23.04 -28.40 -8.53
C ALA B 134 22.44 -29.57 -9.34
N PRO B 135 21.89 -30.57 -8.63
CA PRO B 135 21.26 -31.71 -9.31
C PRO B 135 20.03 -31.25 -10.09
N GLU B 136 19.94 -31.62 -11.36
CA GLU B 136 18.82 -31.21 -12.19
C GLU B 136 17.50 -31.53 -11.50
N THR B 137 17.51 -32.61 -10.72
CA THR B 137 16.36 -33.03 -9.94
C THR B 137 15.93 -31.92 -9.00
N LEU B 138 16.92 -31.26 -8.39
CA LEU B 138 16.67 -30.18 -7.45
C LEU B 138 16.09 -28.94 -8.12
N LEU B 139 16.42 -28.73 -9.40
CA LEU B 139 16.06 -27.48 -10.09
C LEU B 139 14.72 -27.53 -10.85
N LYS B 140 13.84 -26.59 -10.54
CA LYS B 140 12.55 -26.47 -11.21
C LYS B 140 12.40 -25.11 -11.92
N PRO B 141 12.71 -25.07 -13.23
CA PRO B 141 12.70 -23.85 -14.03
C PRO B 141 11.34 -23.16 -14.02
N ILE B 142 11.35 -21.84 -13.96
CA ILE B 142 10.14 -21.04 -14.03
C ILE B 142 9.52 -21.19 -15.43
N LYS B 143 8.19 -21.12 -15.53
CA LYS B 143 7.56 -21.08 -16.84
C LYS B 143 7.52 -19.63 -17.30
N VAL B 144 7.87 -19.37 -18.54
CA VAL B 144 7.93 -17.98 -19.00
C VAL B 144 6.74 -17.64 -19.89
N GLY B 145 6.12 -16.49 -19.61
CA GLY B 145 5.00 -16.02 -20.40
C GLY B 145 5.40 -14.90 -21.34
N GLN B 146 4.43 -14.33 -22.04
CA GLN B 146 4.71 -13.23 -22.98
C GLN B 146 4.22 -11.91 -22.41
N SER B 147 5.16 -11.04 -22.03
CA SER B 147 4.80 -9.77 -21.43
C SER B 147 4.17 -8.82 -22.46
N ASN B 148 4.50 -9.02 -23.74
CA ASN B 148 3.98 -8.16 -24.79
C ASN B 148 2.46 -8.23 -24.97
N SER B 149 1.84 -9.29 -24.47
CA SER B 149 0.40 -9.47 -24.65
C SER B 149 -0.37 -9.24 -23.35
N LEU B 150 0.31 -8.67 -22.37
CA LEU B 150 -0.31 -8.36 -21.09
C LEU B 150 -1.40 -7.30 -21.22
N LYS B 151 -2.43 -7.41 -20.39
CA LYS B 151 -3.52 -6.44 -20.38
C LYS B 151 -3.68 -5.87 -18.98
N VAL B 152 -3.80 -4.54 -18.91
CA VAL B 152 -4.04 -3.87 -17.64
C VAL B 152 -5.32 -4.48 -17.05
N GLY B 153 -5.30 -4.81 -15.77
CA GLY B 153 -6.43 -5.47 -15.15
C GLY B 153 -6.18 -6.94 -14.81
N GLN B 154 -5.25 -7.57 -15.53
CA GLN B 154 -4.90 -8.97 -15.28
C GLN B 154 -4.36 -9.12 -13.88
N GLN B 155 -4.69 -10.25 -13.26
CA GLN B 155 -4.17 -10.61 -11.94
C GLN B 155 -2.66 -10.85 -12.02
N CYS B 156 -1.90 -10.36 -11.05
CA CYS B 156 -0.50 -10.79 -10.94
C CYS B 156 -0.10 -11.13 -9.53
N LEU B 157 0.87 -12.04 -9.43
CA LEU B 157 1.36 -12.52 -8.16
C LEU B 157 2.86 -12.28 -8.10
N ALA B 158 3.31 -11.57 -7.07
CA ALA B 158 4.75 -11.34 -6.88
C ALA B 158 5.25 -12.25 -5.77
N ILE B 159 6.17 -13.14 -6.12
CA ILE B 159 6.70 -14.08 -5.14
C ILE B 159 8.12 -13.74 -4.73
N GLY B 160 8.42 -13.91 -3.46
CA GLY B 160 9.78 -13.70 -2.99
C GLY B 160 10.29 -14.87 -2.15
N ASN B 161 11.60 -14.90 -1.98
CA ASN B 161 12.27 -15.81 -1.06
C ASN B 161 13.41 -14.99 -0.50
N PRO B 162 13.07 -14.00 0.35
CA PRO B 162 14.07 -12.98 0.71
C PRO B 162 15.14 -13.49 1.68
N PHE B 163 14.82 -14.50 2.49
CA PHE B 163 15.78 -14.96 3.50
C PHE B 163 16.17 -16.43 3.42
N GLY B 164 15.60 -17.17 2.47
CA GLY B 164 15.96 -18.57 2.30
C GLY B 164 15.44 -19.50 3.37
N PHE B 165 14.34 -19.13 4.03
CA PHE B 165 13.69 -20.06 4.96
C PHE B 165 12.20 -20.11 4.73
N ASP B 166 11.70 -19.24 3.86
CA ASP B 166 10.28 -19.29 3.50
C ASP B 166 10.06 -18.54 2.19
N HIS B 167 8.79 -18.39 1.81
CA HIS B 167 8.46 -17.59 0.64
C HIS B 167 7.37 -16.54 0.96
N THR B 168 7.29 -15.52 0.11
CA THR B 168 6.34 -14.44 0.31
C THR B 168 5.49 -14.28 -0.92
N LEU B 169 4.34 -13.65 -0.73
CA LEU B 169 3.43 -13.41 -1.84
C LEU B 169 2.70 -12.08 -1.67
N THR B 170 2.61 -11.34 -2.75
CA THR B 170 1.70 -10.19 -2.79
C THR B 170 0.87 -10.33 -4.04
N VAL B 171 -0.34 -9.79 -4.01
CA VAL B 171 -1.25 -9.95 -5.13
C VAL B 171 -1.92 -8.64 -5.51
N GLY B 172 -2.00 -8.39 -6.81
CA GLY B 172 -2.70 -7.21 -7.30
C GLY B 172 -2.98 -7.40 -8.77
N VAL B 173 -3.03 -6.29 -9.52
CA VAL B 173 -3.32 -6.33 -10.96
C VAL B 173 -2.24 -5.63 -11.75
N ILE B 174 -2.14 -5.92 -13.04
CA ILE B 174 -1.32 -5.09 -13.92
C ILE B 174 -1.95 -3.70 -13.92
N SER B 175 -1.18 -2.71 -13.49
CA SER B 175 -1.71 -1.38 -13.25
C SER B 175 -1.39 -0.45 -14.44
N GLY B 176 -0.29 -0.73 -15.13
CA GLY B 176 0.11 0.06 -16.27
C GLY B 176 1.19 -0.69 -17.02
N LEU B 177 1.41 -0.33 -18.27
CA LEU B 177 2.40 -0.98 -19.12
C LEU B 177 3.33 0.06 -19.69
N ASN B 178 4.53 -0.36 -20.08
CA ASN B 178 5.47 0.52 -20.75
C ASN B 178 5.76 1.77 -19.95
N ARG B 179 6.00 1.57 -18.65
CA ARG B 179 6.31 2.66 -17.73
C ARG B 179 7.77 2.57 -17.30
N ASP B 180 8.36 3.71 -16.95
CA ASP B 180 9.76 3.75 -16.52
C ASP B 180 9.92 3.17 -15.11
N ILE B 181 10.94 2.33 -14.94
CA ILE B 181 11.32 1.83 -13.63
C ILE B 181 12.51 2.62 -13.12
N PHE B 182 12.32 3.33 -12.02
CA PHE B 182 13.43 4.09 -11.43
C PHE B 182 14.23 3.21 -10.48
N SER B 183 14.99 2.28 -11.07
CA SER B 183 15.62 1.19 -10.31
C SER B 183 16.55 1.71 -9.25
N GLN B 184 16.68 0.98 -8.14
CA GLN B 184 17.61 1.37 -7.09
C GLN B 184 19.06 1.22 -7.56
N THR B 185 19.23 0.73 -8.79
CA THR B 185 20.52 0.75 -9.46
C THR B 185 20.95 2.20 -9.67
N GLY B 186 19.97 3.08 -9.81
CA GLY B 186 20.23 4.46 -10.16
C GLY B 186 19.91 4.72 -11.62
N VAL B 187 19.73 3.65 -12.40
CA VAL B 187 19.45 3.80 -13.81
C VAL B 187 17.98 3.46 -14.10
N THR B 188 17.31 4.31 -14.87
CA THR B 188 15.89 4.05 -15.16
C THR B 188 15.71 3.12 -16.35
N ILE B 189 14.81 2.17 -16.20
CA ILE B 189 14.59 1.11 -17.19
C ILE B 189 13.30 1.40 -17.94
N GLY B 190 13.38 1.46 -19.26
CA GLY B 190 12.19 1.71 -20.06
C GLY B 190 11.34 0.46 -20.23
N GLY B 191 10.04 0.64 -20.49
CA GLY B 191 9.17 -0.47 -20.87
C GLY B 191 8.69 -1.34 -19.72
N GLY B 192 8.78 -0.81 -18.50
CA GLY B 192 8.42 -1.61 -17.33
C GLY B 192 6.93 -1.84 -17.14
N ILE B 193 6.60 -2.95 -16.47
CA ILE B 193 5.25 -3.27 -16.04
C ILE B 193 5.00 -2.52 -14.74
N GLN B 194 3.83 -1.89 -14.60
CA GLN B 194 3.40 -1.38 -13.30
C GLN B 194 2.36 -2.31 -12.71
N THR B 195 2.43 -2.56 -11.41
CA THR B 195 1.42 -3.41 -10.76
C THR B 195 1.00 -2.78 -9.44
N ASP B 196 -0.22 -3.07 -8.95
CA ASP B 196 -0.51 -2.62 -7.61
C ASP B 196 -0.33 -3.74 -6.58
N ALA B 197 0.30 -4.85 -6.98
CA ALA B 197 0.82 -5.78 -5.98
C ALA B 197 2.00 -5.06 -5.34
N ALA B 198 2.13 -5.17 -4.03
CA ALA B 198 3.25 -4.62 -3.30
C ALA B 198 4.56 -5.22 -3.77
N ILE B 199 5.47 -4.35 -4.20
CA ILE B 199 6.83 -4.75 -4.55
C ILE B 199 7.77 -4.18 -3.50
N ASN B 200 8.55 -5.05 -2.89
CA ASN B 200 9.33 -4.65 -1.72
C ASN B 200 10.58 -5.50 -1.54
N PRO B 201 11.37 -5.25 -0.47
CA PRO B 201 12.59 -6.06 -0.29
C PRO B 201 12.27 -7.55 -0.15
N GLY B 202 11.04 -7.85 0.24
CA GLY B 202 10.61 -9.23 0.41
C GLY B 202 10.37 -9.97 -0.91
N ASN B 203 10.33 -9.25 -2.02
CA ASN B 203 10.19 -9.94 -3.31
C ASN B 203 11.06 -9.43 -4.46
N ALA B 204 11.88 -8.40 -4.21
CA ALA B 204 12.78 -7.86 -5.23
C ALA B 204 13.67 -8.98 -5.77
N GLY B 205 13.78 -9.06 -7.09
CA GLY B 205 14.59 -10.10 -7.71
C GLY B 205 13.80 -11.36 -8.03
N GLY B 206 12.65 -11.51 -7.40
CA GLY B 206 11.76 -12.63 -7.66
C GLY B 206 10.83 -12.40 -8.84
N PRO B 207 9.98 -13.40 -9.14
CA PRO B 207 9.10 -13.35 -10.32
C PRO B 207 7.79 -12.60 -10.10
N LEU B 208 7.34 -11.90 -11.13
CA LEU B 208 5.95 -11.49 -11.19
C LEU B 208 5.25 -12.49 -12.12
N LEU B 209 4.19 -13.12 -11.63
CA LEU B 209 3.51 -14.17 -12.38
C LEU B 209 2.10 -13.73 -12.77
N ASP B 210 1.63 -14.22 -13.91
CA ASP B 210 0.25 -13.97 -14.32
C ASP B 210 -0.67 -15.06 -13.75
N SER B 211 -1.93 -15.04 -14.16
CA SER B 211 -2.90 -15.91 -13.50
C SER B 211 -2.68 -17.39 -13.83
N LYS B 212 -1.79 -17.68 -14.79
CA LYS B 212 -1.49 -19.07 -15.11
C LYS B 212 -0.18 -19.53 -14.49
N GLY B 213 0.48 -18.66 -13.73
CA GLY B 213 1.75 -19.00 -13.11
C GLY B 213 2.94 -18.78 -14.04
N ASN B 214 2.73 -18.09 -15.15
CA ASN B 214 3.83 -17.82 -16.06
C ASN B 214 4.56 -16.55 -15.66
N LEU B 215 5.89 -16.56 -15.79
CA LEU B 215 6.68 -15.39 -15.44
C LEU B 215 6.45 -14.30 -16.48
N ILE B 216 5.94 -13.17 -16.02
CA ILE B 216 5.75 -12.01 -16.88
C ILE B 216 6.68 -10.86 -16.54
N GLY B 217 7.36 -10.96 -15.40
CA GLY B 217 8.40 -10.00 -15.09
C GLY B 217 9.23 -10.34 -13.88
N ILE B 218 10.20 -9.48 -13.60
CA ILE B 218 11.04 -9.59 -12.41
C ILE B 218 10.79 -8.38 -11.50
N ASN B 219 10.22 -8.66 -10.33
CA ASN B 219 9.96 -7.64 -9.31
C ASN B 219 11.21 -6.82 -9.11
N THR B 220 11.09 -5.50 -9.30
CA THR B 220 12.28 -4.66 -9.25
C THR B 220 12.13 -3.49 -8.27
N ALA B 221 13.05 -3.41 -7.31
CA ALA B 221 13.01 -2.33 -6.32
C ALA B 221 13.34 -0.98 -6.97
N ILE B 222 12.67 0.07 -6.52
CA ILE B 222 12.87 1.41 -7.07
C ILE B 222 13.09 2.45 -5.98
N PHE B 223 13.55 3.63 -6.38
CA PHE B 223 13.52 4.81 -5.52
C PHE B 223 12.49 5.78 -6.10
N THR B 224 11.63 6.33 -5.25
CA THR B 224 10.71 7.38 -5.70
C THR B 224 11.34 8.78 -5.57
N GLN B 225 10.82 9.73 -6.34
CA GLN B 225 11.24 11.13 -6.23
C GLN B 225 10.96 11.66 -4.84
N THR B 226 9.68 11.63 -4.46
CA THR B 226 9.23 12.04 -3.15
C THR B 226 9.38 10.88 -2.17
N GLY B 227 8.88 11.04 -0.95
CA GLY B 227 8.94 9.98 0.04
C GLY B 227 7.66 9.16 0.13
N THR B 228 6.58 9.69 -0.43
CA THR B 228 5.27 9.06 -0.34
C THR B 228 5.08 7.94 -1.36
N SER B 229 4.50 6.83 -0.92
CA SER B 229 4.25 5.71 -1.83
C SER B 229 3.00 5.96 -2.65
N ALA B 230 3.06 5.60 -3.93
CA ALA B 230 1.91 5.75 -4.80
C ALA B 230 1.12 4.44 -4.83
N GLY B 231 1.53 3.49 -4.00
CA GLY B 231 0.82 2.23 -3.89
C GLY B 231 1.00 1.27 -5.06
N VAL B 232 2.00 1.53 -5.90
CA VAL B 232 2.25 0.68 -7.06
C VAL B 232 3.73 0.35 -7.15
N GLY B 233 4.07 -0.79 -7.71
CA GLY B 233 5.47 -1.13 -7.92
C GLY B 233 5.72 -1.60 -9.33
N PHE B 234 6.92 -2.13 -9.59
CA PHE B 234 7.34 -2.36 -10.97
C PHE B 234 8.05 -3.68 -11.19
N ALA B 235 7.97 -4.19 -12.43
CA ALA B 235 8.68 -5.38 -12.82
C ALA B 235 9.29 -5.16 -14.19
N ILE B 236 10.54 -5.63 -14.34
CA ILE B 236 11.15 -5.73 -15.66
C ILE B 236 10.38 -6.80 -16.42
N PRO B 237 9.86 -6.45 -17.60
CA PRO B 237 9.01 -7.40 -18.34
C PRO B 237 9.82 -8.61 -18.81
N SER B 238 9.15 -9.74 -18.95
CA SER B 238 9.84 -10.95 -19.38
C SER B 238 10.42 -10.81 -20.79
N SER B 239 9.80 -9.99 -21.63
CA SER B 239 10.35 -9.77 -22.97
C SER B 239 11.79 -9.30 -22.88
N THR B 240 12.06 -8.42 -21.92
CA THR B 240 13.41 -7.90 -21.72
C THR B 240 14.32 -8.99 -21.15
N VAL B 241 13.83 -9.71 -20.14
CA VAL B 241 14.59 -10.80 -19.54
C VAL B 241 15.02 -11.82 -20.59
N LEU B 242 14.07 -12.26 -21.41
CA LEU B 242 14.35 -13.18 -22.52
C LEU B 242 15.41 -12.64 -23.47
N LYS B 243 15.43 -11.33 -23.68
CA LYS B 243 16.38 -10.75 -24.62
C LYS B 243 17.77 -10.61 -24.01
N ILE B 244 17.83 -10.43 -22.71
CA ILE B 244 19.10 -10.08 -22.05
C ILE B 244 19.87 -11.29 -21.52
N VAL B 245 19.18 -12.17 -20.81
CA VAL B 245 19.79 -13.34 -20.19
C VAL B 245 20.72 -14.15 -21.11
N PRO B 246 20.23 -14.54 -22.30
CA PRO B 246 21.11 -15.31 -23.19
C PRO B 246 22.39 -14.57 -23.55
N GLN B 247 22.28 -13.25 -23.68
CA GLN B 247 23.46 -12.43 -24.01
C GLN B 247 24.43 -12.47 -22.85
N LEU B 248 23.88 -12.43 -21.64
CA LEU B 248 24.70 -12.48 -20.43
C LEU B 248 25.39 -13.84 -20.31
N ILE B 249 24.66 -14.89 -20.64
CA ILE B 249 25.21 -16.24 -20.60
C ILE B 249 26.33 -16.40 -21.63
N GLN B 250 26.06 -16.02 -22.89
CA GLN B 250 27.07 -16.13 -23.92
C GLN B 250 28.26 -15.18 -23.71
N PHE B 251 27.97 -13.90 -23.49
CA PHE B 251 29.00 -12.87 -23.54
C PHE B 251 29.30 -12.20 -22.20
N SER B 252 28.56 -12.58 -21.15
CA SER B 252 28.76 -12.02 -19.81
C SER B 252 28.33 -10.56 -19.73
N LYS B 253 27.98 -10.00 -20.88
CA LYS B 253 27.61 -8.59 -20.94
C LYS B 253 26.81 -8.29 -22.20
N VAL B 254 26.13 -7.16 -22.21
CA VAL B 254 25.47 -6.65 -23.39
C VAL B 254 26.20 -5.41 -23.90
N LEU B 255 26.80 -5.51 -25.08
CA LEU B 255 27.36 -4.33 -25.73
C LEU B 255 26.22 -3.60 -26.45
N ARG B 256 26.09 -2.29 -26.23
CA ARG B 256 25.03 -1.52 -26.86
C ARG B 256 25.58 -0.43 -27.77
N ALA B 257 24.85 -0.14 -28.84
CA ALA B 257 25.19 0.95 -29.75
C ALA B 257 24.03 1.95 -29.70
N GLY B 258 24.35 3.23 -29.75
CA GLY B 258 23.32 4.25 -29.57
C GLY B 258 23.83 5.67 -29.79
N ILE B 259 23.10 6.64 -29.24
CA ILE B 259 23.48 8.04 -29.41
C ILE B 259 23.57 8.68 -28.03
N ASN B 260 24.69 9.32 -27.73
CA ASN B 260 24.91 9.82 -26.36
C ASN B 260 24.16 11.13 -26.10
N ILE B 261 22.84 11.11 -26.27
CA ILE B 261 22.00 12.27 -26.04
C ILE B 261 21.05 12.01 -24.89
N GLU B 262 20.35 13.04 -24.43
CA GLU B 262 19.36 12.85 -23.39
C GLU B 262 17.97 13.07 -23.98
N LEU B 263 17.13 12.06 -23.85
CA LEU B 263 15.78 12.11 -24.41
C LEU B 263 14.74 12.30 -23.30
N ALA B 264 13.62 12.93 -23.65
CA ALA B 264 12.58 13.23 -22.68
C ALA B 264 11.77 11.98 -22.39
N PRO B 265 11.53 11.71 -21.10
CA PRO B 265 10.60 10.66 -20.67
C PRO B 265 9.22 10.96 -21.26
N ASP B 266 8.43 9.92 -21.55
CA ASP B 266 7.10 10.13 -22.11
C ASP B 266 6.29 11.20 -21.37
N PRO B 267 6.34 11.21 -20.03
CA PRO B 267 5.53 12.18 -19.28
C PRO B 267 5.91 13.63 -19.58
N VAL B 268 7.21 13.90 -19.63
CA VAL B 268 7.69 15.23 -19.98
C VAL B 268 7.35 15.55 -21.44
N ALA B 269 7.69 14.63 -22.35
CA ALA B 269 7.42 14.85 -23.77
C ALA B 269 5.94 15.19 -24.01
N ASN B 270 5.05 14.39 -23.44
CA ASN B 270 3.62 14.63 -23.63
C ASN B 270 3.15 15.94 -23.03
N GLN B 271 3.72 16.33 -21.89
CA GLN B 271 3.34 17.58 -21.25
C GLN B 271 3.73 18.77 -22.10
N LEU B 272 4.81 18.63 -22.88
CA LEU B 272 5.28 19.68 -23.78
C LEU B 272 4.59 19.55 -25.12
N ASN B 273 3.62 18.63 -25.20
CA ASN B 273 2.83 18.42 -26.41
C ASN B 273 3.56 17.71 -27.54
N VAL B 274 4.57 16.92 -27.18
CA VAL B 274 5.19 16.00 -28.12
C VAL B 274 4.53 14.64 -27.97
N ARG B 275 3.56 14.36 -28.84
CA ARG B 275 2.75 13.16 -28.74
C ARG B 275 3.42 12.00 -29.48
N ASN B 276 4.31 12.33 -30.41
CA ASN B 276 4.96 11.31 -31.22
C ASN B 276 6.47 11.54 -31.35
N GLY B 277 7.23 10.46 -31.15
CA GLY B 277 8.68 10.51 -31.36
C GLY B 277 9.48 10.68 -30.08
N ALA B 278 10.80 10.68 -30.22
CA ALA B 278 11.69 10.86 -29.08
C ALA B 278 12.18 12.29 -29.04
N LEU B 279 11.73 13.05 -28.03
CA LEU B 279 12.11 14.44 -27.91
C LEU B 279 13.51 14.56 -27.33
N VAL B 280 14.38 15.27 -28.06
CA VAL B 280 15.72 15.49 -27.58
C VAL B 280 15.74 16.60 -26.53
N LEU B 281 16.16 16.27 -25.32
CA LEU B 281 16.26 17.25 -24.24
C LEU B 281 17.61 17.93 -24.15
N GLN B 282 18.67 17.15 -24.33
CA GLN B 282 20.04 17.67 -24.23
C GLN B 282 20.97 17.01 -25.23
N VAL B 283 21.90 17.80 -25.74
CA VAL B 283 22.93 17.32 -26.64
C VAL B 283 24.27 17.92 -26.21
N PRO B 284 25.07 17.12 -25.48
CA PRO B 284 26.27 17.63 -24.81
C PRO B 284 27.40 18.04 -25.76
N GLY B 285 28.43 18.67 -25.20
CA GLY B 285 29.52 19.23 -25.98
C GLY B 285 30.19 18.34 -27.01
N LYS B 286 30.36 18.88 -28.21
CA LYS B 286 31.12 18.25 -29.28
C LYS B 286 30.78 16.77 -29.53
N SER B 287 29.56 16.38 -29.17
CA SER B 287 29.09 15.00 -29.33
C SER B 287 28.90 14.64 -30.81
N LEU B 288 28.83 13.35 -31.08
CA LEU B 288 28.44 12.89 -32.42
C LEU B 288 27.13 13.55 -32.81
N ALA B 289 26.20 13.65 -31.86
CA ALA B 289 24.93 14.34 -32.08
C ALA B 289 25.13 15.80 -32.51
N GLU B 290 25.96 16.54 -31.77
CA GLU B 290 26.32 17.88 -32.23
C GLU B 290 26.66 17.88 -33.73
N LYS B 291 27.72 17.16 -34.09
CA LYS B 291 28.27 17.18 -35.45
C LYS B 291 27.34 16.70 -36.56
N ALA B 292 26.25 16.03 -36.19
CA ALA B 292 25.30 15.51 -37.18
C ALA B 292 24.14 16.48 -37.41
N GLY B 293 23.97 17.42 -36.48
CA GLY B 293 22.92 18.42 -36.59
C GLY B 293 21.68 18.24 -35.73
N LEU B 294 21.85 17.74 -34.50
CA LEU B 294 20.72 17.55 -33.57
C LEU B 294 20.65 18.60 -32.45
N HIS B 295 19.47 19.21 -32.27
CA HIS B 295 19.29 20.26 -31.27
C HIS B 295 18.49 19.81 -30.04
N PRO B 296 18.89 20.29 -28.84
CA PRO B 296 18.23 20.02 -27.56
C PRO B 296 17.11 21.02 -27.30
N THR B 297 16.43 20.89 -26.16
CA THR B 297 15.45 21.88 -25.73
C THR B 297 16.02 22.78 -24.63
N SER B 298 15.44 23.96 -24.45
CA SER B 298 15.95 24.93 -23.49
C SER B 298 14.91 25.98 -23.12
N ARG B 299 15.25 26.80 -22.14
CA ARG B 299 14.45 27.97 -21.81
C ARG B 299 15.25 29.21 -22.16
N GLY B 300 14.59 30.20 -22.78
CA GLY B 300 15.25 31.44 -23.12
C GLY B 300 15.13 32.42 -21.96
N PHE B 301 15.90 33.51 -22.02
CA PHE B 301 15.89 34.49 -20.94
C PHE B 301 14.48 35.04 -20.71
N ALA B 302 13.60 34.87 -21.69
CA ALA B 302 12.21 35.26 -21.55
C ALA B 302 11.53 34.34 -20.53
N GLY B 303 11.94 33.07 -20.53
CA GLY B 303 11.24 32.04 -19.81
C GLY B 303 10.55 31.20 -20.86
N ASN B 304 10.73 31.62 -22.11
CA ASN B 304 10.25 30.88 -23.27
C ASN B 304 10.94 29.53 -23.33
N ILE B 305 10.25 28.53 -23.86
CA ILE B 305 10.83 27.20 -24.03
C ILE B 305 11.09 26.93 -25.51
N VAL B 306 12.23 26.33 -25.81
CA VAL B 306 12.60 26.04 -27.19
C VAL B 306 12.77 24.53 -27.40
N LEU B 307 11.81 23.90 -28.07
CA LEU B 307 11.80 22.45 -28.23
C LEU B 307 12.95 21.93 -29.09
N GLY B 308 13.53 20.80 -28.68
CA GLY B 308 14.56 20.15 -29.47
C GLY B 308 14.01 19.28 -30.59
N ASP B 309 14.91 18.74 -31.41
CA ASP B 309 14.50 17.81 -32.46
C ASP B 309 13.72 16.64 -31.87
N ILE B 310 12.88 16.02 -32.69
CA ILE B 310 12.15 14.82 -32.29
C ILE B 310 12.49 13.70 -33.28
N ILE B 311 13.08 12.63 -32.76
CA ILE B 311 13.46 11.52 -33.61
C ILE B 311 12.23 10.64 -33.86
N VAL B 312 11.80 10.61 -35.11
CA VAL B 312 10.56 9.92 -35.45
C VAL B 312 10.83 8.54 -36.08
N ALA B 313 12.05 8.37 -36.60
CA ALA B 313 12.44 7.11 -37.26
C ALA B 313 13.97 6.94 -37.38
N VAL B 314 14.44 5.73 -37.10
CA VAL B 314 15.83 5.35 -37.38
C VAL B 314 15.88 4.65 -38.74
N ASP B 315 16.74 5.13 -39.62
CA ASP B 315 16.57 4.84 -41.05
C ASP B 315 15.16 5.32 -41.35
N ASP B 316 14.20 4.41 -41.21
CA ASP B 316 12.79 4.76 -41.17
C ASP B 316 12.01 3.68 -40.46
N LYS B 317 12.70 2.95 -39.58
CA LYS B 317 12.03 2.09 -38.61
C LYS B 317 11.38 3.01 -37.58
N PRO B 318 10.06 3.22 -37.72
CA PRO B 318 9.35 4.30 -37.02
C PRO B 318 9.63 4.36 -35.52
N VAL B 319 9.79 5.58 -34.99
CA VAL B 319 9.93 5.79 -33.55
C VAL B 319 8.73 6.59 -33.01
N LYS B 320 8.23 6.19 -31.84
CA LYS B 320 7.03 6.81 -31.30
C LYS B 320 7.23 7.24 -29.85
N ASN B 321 8.28 6.72 -29.21
CA ASN B 321 8.69 7.18 -27.90
C ASN B 321 10.12 6.78 -27.56
N LYS B 322 10.68 7.45 -26.56
CA LYS B 322 12.02 7.15 -26.07
C LYS B 322 12.33 5.65 -25.99
N ALA B 323 11.50 4.91 -25.27
CA ALA B 323 11.72 3.48 -25.02
C ALA B 323 11.89 2.64 -26.29
N GLU B 324 11.05 2.88 -27.30
CA GLU B 324 11.13 2.12 -28.54
C GLU B 324 12.39 2.49 -29.32
N LEU B 325 12.80 3.75 -29.22
CA LEU B 325 14.03 4.18 -29.85
C LEU B 325 15.20 3.40 -29.28
N MET B 326 15.30 3.37 -27.96
CA MET B 326 16.37 2.62 -27.29
C MET B 326 16.41 1.19 -27.79
N LYS B 327 15.24 0.57 -27.93
CA LYS B 327 15.13 -0.82 -28.35
C LYS B 327 15.50 -1.02 -29.83
N ILE B 328 15.38 0.04 -30.63
CA ILE B 328 15.83 0.01 -32.03
C ILE B 328 17.35 -0.02 -32.09
N LEU B 329 17.96 0.91 -31.37
CA LEU B 329 19.41 1.06 -31.33
C LEU B 329 20.12 -0.17 -30.72
N ASP B 330 19.57 -0.68 -29.63
CA ASP B 330 20.18 -1.79 -28.88
C ASP B 330 20.51 -3.02 -29.72
N GLU B 331 20.16 -3.01 -31.00
CA GLU B 331 20.35 -4.19 -31.84
C GLU B 331 21.40 -3.97 -32.92
N TYR B 332 21.57 -2.72 -33.34
CA TYR B 332 22.67 -2.38 -34.24
C TYR B 332 23.96 -2.66 -33.51
N SER B 333 25.08 -2.59 -34.22
CA SER B 333 26.36 -2.64 -33.54
C SER B 333 27.11 -1.32 -33.71
N VAL B 334 28.17 -1.17 -32.93
CA VAL B 334 29.00 0.04 -32.96
C VAL B 334 29.53 0.34 -34.35
N GLY B 335 29.43 1.61 -34.76
CA GLY B 335 29.93 2.03 -36.05
C GLY B 335 28.88 1.98 -37.14
N ASP B 336 27.80 1.25 -36.90
CA ASP B 336 26.69 1.25 -37.86
C ASP B 336 26.32 2.69 -38.14
N LYS B 337 26.07 3.01 -39.40
CA LYS B 337 25.62 4.33 -39.78
C LYS B 337 24.15 4.25 -40.13
N VAL B 338 23.33 5.12 -39.54
CA VAL B 338 21.88 5.11 -39.76
C VAL B 338 21.35 6.49 -40.15
N THR B 339 20.06 6.54 -40.50
CA THR B 339 19.46 7.80 -40.93
C THR B 339 18.25 8.19 -40.07
N LEU B 340 18.47 9.14 -39.16
CA LEU B 340 17.42 9.62 -38.28
C LEU B 340 16.42 10.52 -39.00
N LYS B 341 15.16 10.12 -39.01
CA LYS B 341 14.09 10.98 -39.49
C LYS B 341 13.65 11.82 -38.30
N ILE B 342 13.72 13.14 -38.45
CA ILE B 342 13.45 14.02 -37.32
C ILE B 342 12.36 15.05 -37.61
N LYS B 343 11.74 15.54 -36.55
CA LYS B 343 10.83 16.67 -36.63
C LYS B 343 11.39 17.85 -35.85
N ARG B 344 11.50 19.00 -36.50
CA ARG B 344 11.85 20.24 -35.83
C ARG B 344 10.79 21.26 -36.23
N GLY B 345 10.02 21.76 -35.28
CA GLY B 345 8.94 22.65 -35.66
C GLY B 345 8.00 21.86 -36.57
N ASN B 346 7.63 22.42 -37.73
CA ASN B 346 6.71 21.72 -38.64
C ASN B 346 7.41 20.89 -39.73
N GLU B 347 8.68 21.18 -39.97
CA GLU B 347 9.43 20.53 -41.04
C GLU B 347 9.66 19.04 -40.79
N ASP B 348 10.39 18.40 -41.69
CA ASP B 348 10.77 17.00 -41.56
C ASP B 348 12.11 16.77 -42.26
N LEU B 349 13.14 16.44 -41.48
CA LEU B 349 14.50 16.34 -42.01
C LEU B 349 15.18 15.00 -41.69
N GLU B 350 15.97 14.51 -42.65
CA GLU B 350 16.75 13.27 -42.49
C GLU B 350 18.18 13.61 -42.05
N LEU B 351 18.73 12.83 -41.12
CA LEU B 351 20.06 13.09 -40.58
C LEU B 351 20.94 11.84 -40.44
N LYS B 352 22.16 11.92 -40.92
CA LYS B 352 23.12 10.84 -40.77
C LYS B 352 23.80 10.88 -39.41
N ILE B 353 24.12 9.70 -38.88
CA ILE B 353 24.93 9.59 -37.69
C ILE B 353 25.47 8.17 -37.53
N SER B 354 26.68 8.06 -36.98
CA SER B 354 27.26 6.77 -36.66
C SER B 354 27.10 6.52 -35.17
N LEU B 355 26.87 5.26 -34.79
CA LEU B 355 26.58 4.94 -33.40
C LEU B 355 27.83 4.54 -32.64
N GLU B 356 27.93 4.98 -31.38
CA GLU B 356 29.04 4.63 -30.51
C GLU B 356 28.51 3.94 -29.26
N GLU B 357 29.39 3.43 -28.40
CA GLU B 357 28.92 2.77 -27.17
C GLU B 357 28.10 3.72 -26.27
N LYS B 358 27.08 3.19 -25.61
CA LYS B 358 26.09 4.01 -24.88
C LYS B 358 26.43 4.29 -23.41
N GLU B 362 22.29 6.17 -18.38
CA GLU B 362 22.38 7.34 -17.51
C GLU B 362 21.34 7.30 -16.38
N HIS B 363 21.58 8.09 -15.33
CA HIS B 363 20.91 7.91 -14.04
C HIS B 363 19.71 8.83 -13.79
N HIS B 364 19.15 8.70 -12.58
CA HIS B 364 18.05 9.55 -12.11
C HIS B 364 18.36 10.12 -10.72
N HIS B 365 17.59 11.11 -10.28
CA HIS B 365 17.90 11.84 -9.04
C HIS B 365 17.29 11.24 -7.77
N HIS B 366 16.84 9.98 -7.86
CA HIS B 366 16.02 9.37 -6.82
C HIS B 366 16.78 8.67 -5.70
N GLY C 22 -27.50 -2.42 -5.03
CA GLY C 22 -27.23 -2.97 -6.35
C GLY C 22 -26.87 -4.45 -6.32
N PRO C 23 -27.06 -5.13 -7.46
CA PRO C 23 -26.64 -6.54 -7.56
C PRO C 23 -25.12 -6.62 -7.63
N LEU C 24 -24.55 -7.70 -7.12
CA LEU C 24 -23.11 -7.79 -6.96
C LEU C 24 -22.58 -9.11 -7.53
N PHE C 25 -21.32 -9.11 -7.90
CA PHE C 25 -20.68 -10.33 -8.39
C PHE C 25 -20.30 -11.23 -7.21
N PRO C 26 -20.00 -12.52 -7.47
CA PRO C 26 -19.87 -13.51 -6.40
C PRO C 26 -18.88 -13.14 -5.31
N THR C 27 -17.65 -12.84 -5.69
CA THR C 27 -16.62 -12.64 -4.66
C THR C 27 -16.90 -11.38 -3.84
N GLU C 28 -17.20 -10.26 -4.51
CA GLU C 28 -17.49 -9.04 -3.79
C GLU C 28 -18.76 -9.20 -2.96
N GLY C 29 -19.74 -9.96 -3.48
CA GLY C 29 -20.96 -10.26 -2.76
C GLY C 29 -20.65 -10.95 -1.43
N ARG C 30 -19.77 -11.95 -1.48
CA ARG C 30 -19.35 -12.68 -0.27
C ARG C 30 -18.62 -11.78 0.73
N ILE C 31 -17.75 -10.89 0.27
CA ILE C 31 -17.04 -9.98 1.18
C ILE C 31 -18.03 -9.04 1.86
N VAL C 32 -18.91 -8.45 1.06
CA VAL C 32 -19.86 -7.50 1.60
C VAL C 32 -20.67 -8.14 2.75
N GLN C 33 -21.10 -9.38 2.54
CA GLN C 33 -21.92 -10.05 3.54
C GLN C 33 -21.10 -10.48 4.75
N LEU C 34 -19.90 -11.02 4.51
CA LEU C 34 -18.97 -11.40 5.60
C LEU C 34 -18.65 -10.21 6.49
N PHE C 35 -18.33 -9.09 5.86
CA PHE C 35 -18.05 -7.84 6.56
C PHE C 35 -19.22 -7.40 7.45
N GLU C 36 -20.40 -7.32 6.85
CA GLU C 36 -21.59 -6.87 7.57
C GLU C 36 -21.86 -7.76 8.78
N LYS C 37 -21.81 -9.06 8.54
CA LYS C 37 -22.09 -10.04 9.58
C LYS C 37 -21.11 -9.87 10.74
N ASN C 38 -19.88 -9.44 10.45
CA ASN C 38 -18.85 -9.41 11.50
C ASN C 38 -18.66 -8.06 12.20
N THR C 39 -19.25 -7.01 11.65
CA THR C 39 -19.19 -5.67 12.26
C THR C 39 -19.60 -5.72 13.72
N TYR C 40 -20.63 -6.49 14.02
CA TYR C 40 -21.14 -6.56 15.38
C TYR C 40 -20.09 -7.02 16.37
N SER C 41 -19.16 -7.87 15.93
CA SER C 41 -18.16 -8.41 16.84
C SER C 41 -16.95 -7.51 16.96
N VAL C 42 -16.90 -6.46 16.14
CA VAL C 42 -15.76 -5.55 16.22
C VAL C 42 -16.13 -4.27 16.94
N VAL C 43 -15.55 -4.07 18.12
CA VAL C 43 -15.85 -2.90 18.93
C VAL C 43 -14.83 -1.79 18.74
N ASN C 44 -15.19 -0.60 19.24
CA ASN C 44 -14.33 0.57 19.28
C ASN C 44 -13.85 0.79 20.71
N ILE C 45 -12.57 1.11 20.87
CA ILE C 45 -12.05 1.40 22.20
C ILE C 45 -11.36 2.77 22.19
N PHE C 46 -11.78 3.64 23.09
CA PHE C 46 -11.08 4.88 23.32
C PHE C 46 -10.40 4.81 24.68
N ASP C 47 -9.09 5.06 24.70
CA ASP C 47 -8.31 5.09 25.94
C ASP C 47 -8.70 6.31 26.78
N VAL C 48 -9.20 6.08 27.99
CA VAL C 48 -9.79 7.17 28.77
C VAL C 48 -8.77 8.15 29.32
N THR C 49 -7.49 7.83 29.20
CA THR C 49 -6.46 8.71 29.76
C THR C 49 -6.00 9.72 28.72
N LEU C 50 -6.57 9.66 27.52
CA LEU C 50 -6.19 10.58 26.46
C LEU C 50 -7.25 11.66 26.25
N ARG C 51 -6.85 12.93 26.42
CA ARG C 51 -7.72 14.07 26.09
C ARG C 51 -7.72 14.34 24.58
N PRO C 52 -8.86 14.81 24.05
CA PRO C 52 -9.03 14.93 22.60
C PRO C 52 -8.37 16.16 21.94
N GLN C 53 -8.95 16.62 20.83
CA GLN C 53 -8.39 17.73 20.05
C GLN C 53 -9.40 18.86 19.83
N GLY C 65 -2.57 5.58 20.53
CA GLY C 65 -3.65 4.93 21.25
C GLY C 65 -5.00 4.99 20.53
N ASN C 66 -6.00 4.28 21.07
CA ASN C 66 -7.35 4.20 20.46
C ASN C 66 -7.41 3.30 19.24
N GLY C 67 -8.53 2.61 19.06
CA GLY C 67 -8.60 1.65 17.99
C GLY C 67 -9.77 0.71 18.12
N SER C 68 -9.55 -0.54 17.73
CA SER C 68 -10.63 -1.50 17.66
C SER C 68 -10.32 -2.64 18.64
N GLY C 69 -11.28 -3.53 18.80
CA GLY C 69 -11.12 -4.70 19.65
C GLY C 69 -12.14 -5.69 19.15
N VAL C 70 -12.12 -6.90 19.71
CA VAL C 70 -13.07 -7.94 19.33
C VAL C 70 -13.83 -8.48 20.54
N VAL C 71 -15.11 -8.79 20.35
CA VAL C 71 -15.88 -9.43 21.41
C VAL C 71 -15.38 -10.86 21.50
N TRP C 72 -14.84 -11.24 22.66
CA TRP C 72 -14.25 -12.56 22.85
C TRP C 72 -15.29 -13.59 23.27
N ASP C 73 -16.24 -13.17 24.09
CA ASP C 73 -17.28 -14.09 24.56
C ASP C 73 -18.51 -13.34 25.10
N GLY C 74 -19.54 -14.10 25.41
CA GLY C 74 -20.78 -13.51 25.87
C GLY C 74 -20.78 -12.91 27.27
N GLN C 75 -19.71 -13.14 28.03
CA GLN C 75 -19.59 -12.50 29.35
C GLN C 75 -19.09 -11.06 29.23
N GLY C 76 -18.71 -10.64 28.02
CA GLY C 76 -18.29 -9.27 27.79
C GLY C 76 -16.79 -9.05 27.79
N TYR C 77 -16.03 -10.13 27.61
CA TYR C 77 -14.59 -9.99 27.53
C TYR C 77 -14.23 -9.48 26.15
N ILE C 78 -13.34 -8.48 26.10
CA ILE C 78 -13.01 -7.81 24.83
C ILE C 78 -11.51 -7.96 24.64
N VAL C 79 -11.09 -8.37 23.46
CA VAL C 79 -9.65 -8.52 23.20
C VAL C 79 -9.19 -7.41 22.27
N THR C 80 -8.01 -6.85 22.57
CA THR C 80 -7.46 -5.79 21.74
C THR C 80 -5.92 -5.82 21.85
N ASN C 81 -5.24 -4.89 21.19
CA ASN C 81 -3.79 -4.77 21.36
C ASN C 81 -3.49 -4.01 22.65
N TYR C 82 -2.42 -4.41 23.31
CA TYR C 82 -1.88 -3.65 24.44
C TYR C 82 -1.76 -2.21 23.99
N HIS C 83 -1.28 -2.01 22.76
CA HIS C 83 -0.96 -0.65 22.32
C HIS C 83 -2.20 0.25 22.21
N VAL C 84 -3.37 -0.30 21.88
CA VAL C 84 -4.52 0.61 21.74
C VAL C 84 -4.94 1.27 23.05
N ILE C 85 -4.59 0.66 24.18
CA ILE C 85 -4.74 1.33 25.47
C ILE C 85 -3.40 1.56 26.15
N GLY C 86 -2.36 1.74 25.34
CA GLY C 86 -1.00 1.85 25.87
C GLY C 86 -0.83 2.96 26.89
N ASN C 87 -1.43 4.13 26.62
CA ASN C 87 -1.29 5.22 27.56
C ASN C 87 -1.85 4.87 28.93
N ALA C 88 -3.07 4.34 28.95
CA ALA C 88 -3.68 3.90 30.22
C ALA C 88 -2.79 2.85 30.89
N LEU C 89 -2.31 1.89 30.11
CA LEU C 89 -1.49 0.83 30.68
C LEU C 89 -0.17 1.36 31.28
N SER C 90 0.33 2.46 30.75
CA SER C 90 1.59 3.02 31.26
C SER C 90 1.40 3.55 32.68
N ARG C 91 0.15 3.77 33.07
CA ARG C 91 -0.16 4.36 34.36
C ARG C 91 -0.47 3.33 35.44
N ASN C 92 -0.02 2.09 35.21
CA ASN C 92 -0.13 1.01 36.17
C ASN C 92 -1.54 0.78 36.70
N PRO C 93 -2.51 0.57 35.80
CA PRO C 93 -3.87 0.33 36.30
C PRO C 93 -3.99 -1.07 36.91
N SER C 94 -4.86 -1.24 37.88
CA SER C 94 -5.12 -2.58 38.41
C SER C 94 -6.32 -3.17 37.68
N PRO C 95 -6.46 -4.51 37.76
CA PRO C 95 -7.65 -5.10 37.14
C PRO C 95 -8.89 -4.48 37.78
N GLY C 96 -9.87 -4.11 36.96
CA GLY C 96 -11.05 -3.42 37.47
C GLY C 96 -11.06 -1.94 37.16
N ASP C 97 -9.88 -1.35 36.95
CA ASP C 97 -9.80 0.05 36.55
C ASP C 97 -10.43 0.31 35.19
N VAL C 98 -11.14 1.43 35.06
CA VAL C 98 -11.70 1.79 33.78
C VAL C 98 -10.60 2.36 32.91
N VAL C 99 -10.11 1.56 31.97
CA VAL C 99 -9.01 2.00 31.12
C VAL C 99 -9.50 2.43 29.74
N GLY C 100 -10.74 2.09 29.41
CA GLY C 100 -11.28 2.39 28.09
C GLY C 100 -12.76 2.65 28.08
N ARG C 101 -13.22 3.33 27.03
CA ARG C 101 -14.65 3.43 26.71
C ARG C 101 -14.85 2.53 25.51
N VAL C 102 -15.83 1.63 25.60
CA VAL C 102 -16.04 0.68 24.51
C VAL C 102 -17.37 0.91 23.83
N ASN C 103 -17.34 1.04 22.50
CA ASN C 103 -18.57 1.19 21.72
C ASN C 103 -18.86 -0.08 20.95
N ILE C 104 -20.08 -0.57 21.08
CA ILE C 104 -20.46 -1.85 20.50
C ILE C 104 -21.72 -1.66 19.64
N LEU C 105 -21.65 -2.16 18.42
CA LEU C 105 -22.73 -2.01 17.45
C LEU C 105 -23.87 -2.93 17.84
N ALA C 106 -25.07 -2.38 18.05
CA ALA C 106 -26.23 -3.18 18.41
C ALA C 106 -27.04 -3.59 17.18
N SER C 107 -27.92 -4.56 17.37
CA SER C 107 -28.78 -5.09 16.30
C SER C 107 -29.57 -4.00 15.57
N ASP C 108 -29.75 -2.86 16.23
CA ASP C 108 -30.50 -1.75 15.66
C ASP C 108 -29.61 -0.76 14.92
N GLY C 109 -28.35 -1.13 14.71
CA GLY C 109 -27.47 -0.32 13.89
C GLY C 109 -26.82 0.88 14.56
N VAL C 110 -27.08 1.08 15.85
CA VAL C 110 -26.35 2.13 16.55
C VAL C 110 -25.37 1.53 17.54
N GLN C 111 -24.25 2.20 17.75
CA GLN C 111 -23.26 1.69 18.70
C GLN C 111 -23.60 2.17 20.10
N LYS C 112 -23.49 1.26 21.08
CA LYS C 112 -23.73 1.61 22.48
C LYS C 112 -22.42 1.71 23.28
N ASN C 113 -22.37 2.65 24.22
CA ASN C 113 -21.13 2.95 24.95
C ASN C 113 -21.07 2.20 26.27
N PHE C 114 -19.92 1.60 26.57
CA PHE C 114 -19.74 0.88 27.84
C PHE C 114 -18.38 1.17 28.47
N GLU C 115 -18.37 1.18 29.79
CA GLU C 115 -17.11 1.20 30.53
C GLU C 115 -16.31 -0.07 30.23
N GLY C 116 -15.05 0.10 29.84
CA GLY C 116 -14.18 -1.03 29.62
C GLY C 116 -13.20 -1.19 30.79
N LYS C 117 -13.45 -2.16 31.66
CA LYS C 117 -12.58 -2.32 32.81
C LYS C 117 -11.43 -3.27 32.46
N LEU C 118 -10.24 -2.95 32.95
CA LEU C 118 -9.07 -3.75 32.64
C LEU C 118 -9.18 -5.16 33.24
N VAL C 119 -8.91 -6.17 32.43
CA VAL C 119 -8.84 -7.55 32.92
C VAL C 119 -7.40 -8.04 33.04
N GLY C 120 -6.64 -7.86 31.97
CA GLY C 120 -5.26 -8.28 31.99
C GLY C 120 -4.58 -7.73 30.75
N ALA C 121 -3.26 -7.68 30.77
CA ALA C 121 -2.51 -7.19 29.64
C ALA C 121 -1.17 -7.93 29.52
N ASP C 122 -0.68 -8.08 28.30
CA ASP C 122 0.60 -8.74 28.07
C ASP C 122 1.36 -7.96 27.00
N ARG C 123 2.33 -7.16 27.42
CA ARG C 123 3.05 -6.33 26.48
C ARG C 123 3.83 -7.17 25.49
N ALA C 124 4.39 -8.27 25.96
CA ALA C 124 5.22 -9.13 25.10
C ALA C 124 4.50 -9.56 23.84
N LYS C 125 3.19 -9.83 23.94
CA LYS C 125 2.42 -10.22 22.76
C LYS C 125 1.48 -9.14 22.28
N ASP C 126 1.62 -7.93 22.82
CA ASP C 126 0.79 -6.81 22.41
C ASP C 126 -0.68 -7.20 22.44
N LEU C 127 -1.11 -7.78 23.56
CA LEU C 127 -2.52 -8.10 23.76
C LEU C 127 -3.05 -7.54 25.08
N ALA C 128 -4.31 -7.11 25.08
CA ALA C 128 -4.96 -6.66 26.31
C ALA C 128 -6.40 -7.18 26.33
N VAL C 129 -6.92 -7.37 27.53
CA VAL C 129 -8.30 -7.82 27.68
C VAL C 129 -9.06 -6.88 28.59
N LEU C 130 -10.24 -6.45 28.11
CA LEU C 130 -11.15 -5.60 28.87
C LEU C 130 -12.43 -6.42 29.17
N LYS C 131 -13.26 -5.92 30.07
CA LYS C 131 -14.57 -6.53 30.30
C LYS C 131 -15.59 -5.42 30.31
N VAL C 132 -16.67 -5.62 29.55
CA VAL C 132 -17.79 -4.69 29.60
C VAL C 132 -18.96 -5.38 30.31
N ASP C 133 -19.81 -4.58 30.94
CA ASP C 133 -21.02 -5.08 31.58
C ASP C 133 -22.19 -4.84 30.63
N ALA C 134 -22.47 -5.80 29.76
CA ALA C 134 -23.51 -5.66 28.75
C ALA C 134 -24.42 -6.89 28.65
N PRO C 135 -25.62 -6.69 28.09
CA PRO C 135 -26.57 -7.79 27.87
C PRO C 135 -26.11 -8.76 26.77
N GLU C 136 -26.29 -10.05 27.00
CA GLU C 136 -25.94 -11.08 26.01
C GLU C 136 -26.43 -10.71 24.61
N THR C 137 -27.67 -10.23 24.51
CA THR C 137 -28.28 -9.86 23.23
C THR C 137 -27.39 -8.92 22.43
N LEU C 138 -26.64 -8.08 23.12
CA LEU C 138 -25.78 -7.11 22.47
C LEU C 138 -24.52 -7.78 21.93
N LEU C 139 -24.01 -8.75 22.69
CA LEU C 139 -22.71 -9.34 22.41
C LEU C 139 -22.74 -10.49 21.40
N LYS C 140 -21.98 -10.33 20.32
CA LYS C 140 -21.76 -11.36 19.32
C LYS C 140 -20.27 -11.70 19.30
N PRO C 141 -19.88 -12.76 20.00
CA PRO C 141 -18.45 -13.10 20.00
C PRO C 141 -17.95 -13.47 18.61
N ILE C 142 -16.72 -13.10 18.32
CA ILE C 142 -16.09 -13.46 17.06
C ILE C 142 -15.96 -14.97 17.02
N LYS C 143 -16.01 -15.56 15.83
CA LYS C 143 -15.69 -16.98 15.70
C LYS C 143 -14.18 -17.15 15.47
N VAL C 144 -13.53 -18.08 16.16
CA VAL C 144 -12.07 -18.17 16.03
C VAL C 144 -11.64 -19.33 15.12
N GLY C 145 -10.66 -19.04 14.26
CA GLY C 145 -10.12 -20.02 13.33
C GLY C 145 -8.81 -20.64 13.79
N GLN C 146 -8.12 -21.32 12.89
CA GLN C 146 -6.90 -22.04 13.24
C GLN C 146 -5.72 -21.47 12.45
N SER C 147 -4.93 -20.62 13.09
CA SER C 147 -3.89 -19.91 12.36
C SER C 147 -2.75 -20.83 11.91
N ASN C 148 -2.63 -21.98 12.57
CA ASN C 148 -1.57 -22.93 12.25
C ASN C 148 -1.80 -23.66 10.92
N SER C 149 -3.01 -23.58 10.37
CA SER C 149 -3.30 -24.23 9.09
CA SER C 149 -3.31 -24.23 9.10
C SER C 149 -3.47 -23.22 7.96
N LEU C 150 -3.02 -21.99 8.19
CA LEU C 150 -3.14 -20.94 7.17
C LEU C 150 -2.21 -21.23 6.00
N LYS C 151 -2.63 -20.82 4.81
CA LYS C 151 -1.76 -20.95 3.63
C LYS C 151 -1.55 -19.60 3.00
N VAL C 152 -0.31 -19.33 2.60
CA VAL C 152 -0.01 -18.10 1.89
C VAL C 152 -0.87 -18.11 0.63
N GLY C 153 -1.53 -17.00 0.38
CA GLY C 153 -2.38 -16.87 -0.79
C GLY C 153 -3.84 -16.77 -0.44
N GLN C 154 -4.20 -17.16 0.78
CA GLN C 154 -5.59 -17.09 1.24
C GLN C 154 -6.09 -15.65 1.36
N GLN C 155 -7.37 -15.46 1.04
CA GLN C 155 -8.03 -14.18 1.22
C GLN C 155 -8.10 -13.82 2.71
N CYS C 156 -7.80 -12.55 3.03
CA CYS C 156 -8.12 -12.06 4.37
C CYS C 156 -8.80 -10.70 4.40
N LEU C 157 -9.62 -10.51 5.42
CA LEU C 157 -10.34 -9.27 5.64
C LEU C 157 -9.88 -8.70 6.94
N ALA C 158 -9.43 -7.44 6.91
CA ALA C 158 -9.06 -6.73 8.12
C ALA C 158 -10.14 -5.72 8.45
N ILE C 159 -10.78 -5.90 9.61
CA ILE C 159 -11.92 -5.06 9.96
C ILE C 159 -11.61 -4.16 11.14
N GLY C 160 -12.09 -2.92 11.07
CA GLY C 160 -11.90 -1.99 12.14
C GLY C 160 -13.19 -1.30 12.55
N ASN C 161 -13.15 -0.75 13.76
CA ASN C 161 -14.18 0.15 14.28
C ASN C 161 -13.43 1.26 14.99
N PRO C 162 -12.79 2.14 14.21
CA PRO C 162 -11.83 3.06 14.83
C PRO C 162 -12.42 4.18 15.70
N PHE C 163 -13.66 4.58 15.43
CA PHE C 163 -14.19 5.76 16.11
C PHE C 163 -15.54 5.54 16.80
N GLY C 164 -16.09 4.34 16.69
CA GLY C 164 -17.34 4.04 17.35
C GLY C 164 -18.54 4.55 16.55
N PHE C 165 -18.34 4.94 15.30
CA PHE C 165 -19.50 5.37 14.51
C PHE C 165 -19.70 4.64 13.19
N ASP C 166 -18.77 3.78 12.83
CA ASP C 166 -18.89 2.98 11.61
C ASP C 166 -17.83 1.88 11.66
N HIS C 167 -17.66 1.15 10.58
CA HIS C 167 -16.61 0.12 10.49
C HIS C 167 -15.84 0.27 9.20
N THR C 168 -14.62 -0.27 9.18
CA THR C 168 -13.75 -0.15 8.01
C THR C 168 -13.33 -1.53 7.60
N LEU C 169 -12.92 -1.66 6.35
CA LEU C 169 -12.48 -2.93 5.82
C LEU C 169 -11.30 -2.72 4.89
N THR C 170 -10.31 -3.61 4.98
CA THR C 170 -9.31 -3.74 3.96
C THR C 170 -9.19 -5.20 3.56
N VAL C 171 -8.83 -5.45 2.32
CA VAL C 171 -8.82 -6.84 1.84
C VAL C 171 -7.53 -7.14 1.12
N GLY C 172 -6.94 -8.29 1.44
CA GLY C 172 -5.73 -8.71 0.75
C GLY C 172 -5.61 -10.22 0.78
N VAL C 173 -4.37 -10.70 0.72
CA VAL C 173 -4.07 -12.12 0.93
C VAL C 173 -3.12 -12.31 2.11
N ILE C 174 -3.05 -13.55 2.61
CA ILE C 174 -1.96 -13.89 3.50
C ILE C 174 -0.69 -13.83 2.67
N SER C 175 0.26 -13.03 3.12
CA SER C 175 1.45 -12.75 2.32
C SER C 175 2.68 -13.49 2.81
N GLY C 176 2.67 -13.85 4.09
CA GLY C 176 3.78 -14.55 4.72
C GLY C 176 3.37 -15.05 6.09
N LEU C 177 4.09 -16.04 6.58
CA LEU C 177 3.74 -16.67 7.86
C LEU C 177 4.95 -16.67 8.76
N ASN C 178 4.74 -16.70 10.07
CA ASN C 178 5.82 -16.74 11.04
C ASN C 178 6.83 -15.64 10.81
N ARG C 179 6.35 -14.40 10.71
CA ARG C 179 7.21 -13.24 10.53
C ARG C 179 7.22 -12.39 11.78
N ASP C 180 8.33 -11.72 12.04
CA ASP C 180 8.43 -10.83 13.21
C ASP C 180 7.52 -9.61 13.03
N ILE C 181 6.80 -9.26 14.09
CA ILE C 181 5.97 -8.08 14.13
C ILE C 181 6.65 -7.02 14.98
N PHE C 182 7.00 -5.88 14.39
CA PHE C 182 7.65 -4.81 15.16
C PHE C 182 6.62 -3.87 15.74
N SER C 183 5.94 -4.37 16.76
CA SER C 183 4.79 -3.72 17.35
C SER C 183 5.08 -2.33 17.84
N GLN C 184 4.09 -1.47 17.78
CA GLN C 184 4.28 -0.11 18.29
C GLN C 184 4.37 -0.07 19.82
N THR C 185 4.24 -1.22 20.48
CA THR C 185 4.53 -1.29 21.91
C THR C 185 6.02 -1.13 22.13
N GLY C 186 6.79 -1.40 21.07
CA GLY C 186 8.23 -1.38 21.14
C GLY C 186 8.85 -2.76 21.21
N VAL C 187 8.02 -3.80 21.27
CA VAL C 187 8.51 -5.16 21.45
C VAL C 187 8.22 -6.00 20.21
N THR C 188 9.20 -6.80 19.80
CA THR C 188 9.06 -7.66 18.64
C THR C 188 8.29 -8.92 19.01
N ILE C 189 7.26 -9.25 18.24
CA ILE C 189 6.48 -10.46 18.45
C ILE C 189 6.82 -11.44 17.35
N GLY C 190 7.24 -12.64 17.71
CA GLY C 190 7.58 -13.65 16.73
C GLY C 190 6.35 -14.39 16.30
N GLY C 191 6.38 -15.01 15.12
CA GLY C 191 5.33 -15.92 14.71
C GLY C 191 4.13 -15.20 14.10
N GLY C 192 4.33 -13.94 13.73
CA GLY C 192 3.24 -13.14 13.20
C GLY C 192 2.82 -13.50 11.78
N ILE C 193 1.58 -13.14 11.45
CA ILE C 193 1.03 -13.31 10.12
C ILE C 193 1.33 -12.02 9.37
N GLN C 194 1.83 -12.15 8.15
CA GLN C 194 2.01 -11.01 7.26
C GLN C 194 0.89 -11.04 6.21
N THR C 195 0.32 -9.88 5.90
CA THR C 195 -0.73 -9.79 4.92
C THR C 195 -0.53 -8.54 4.04
N ASP C 196 -1.05 -8.57 2.81
CA ASP C 196 -0.97 -7.35 2.01
C ASP C 196 -2.26 -6.54 2.05
N ALA C 197 -3.23 -6.98 2.86
CA ALA C 197 -4.29 -6.06 3.28
C ALA C 197 -3.68 -4.95 4.11
N ALA C 198 -4.14 -3.72 3.90
CA ALA C 198 -3.64 -2.59 4.66
C ALA C 198 -4.02 -2.70 6.13
N ILE C 199 -3.01 -2.58 6.97
CA ILE C 199 -3.18 -2.56 8.42
C ILE C 199 -2.79 -1.18 8.89
N ASN C 200 -3.71 -0.50 9.57
CA ASN C 200 -3.53 0.93 9.85
C ASN C 200 -4.30 1.36 11.12
N PRO C 201 -4.22 2.64 11.52
CA PRO C 201 -4.95 3.00 12.74
C PRO C 201 -6.44 2.72 12.62
N GLY C 202 -6.92 2.62 11.38
CA GLY C 202 -8.33 2.36 11.14
C GLY C 202 -8.72 0.92 11.46
N ASN C 203 -7.75 0.02 11.62
CA ASN C 203 -8.12 -1.36 11.97
C ASN C 203 -7.24 -2.02 13.01
N ALA C 204 -6.25 -1.29 13.54
CA ALA C 204 -5.40 -1.81 14.61
C ALA C 204 -6.28 -2.23 15.81
N GLY C 205 -6.02 -3.45 16.32
CA GLY C 205 -6.77 -4.01 17.43
C GLY C 205 -7.94 -4.84 16.96
N GLY C 206 -8.30 -4.67 15.69
CA GLY C 206 -9.42 -5.37 15.09
C GLY C 206 -9.07 -6.75 14.58
N PRO C 207 -10.06 -7.51 14.07
CA PRO C 207 -9.78 -8.86 13.61
C PRO C 207 -9.22 -8.95 12.20
N LEU C 208 -8.36 -9.92 11.99
CA LEU C 208 -8.06 -10.36 10.64
C LEU C 208 -8.85 -11.64 10.49
N LEU C 209 -9.71 -11.69 9.47
CA LEU C 209 -10.56 -12.84 9.21
C LEU C 209 -10.16 -13.57 7.92
N ASP C 210 -10.44 -14.87 7.88
CA ASP C 210 -10.26 -15.64 6.66
C ASP C 210 -11.57 -15.65 5.83
N SER C 211 -11.60 -16.40 4.73
CA SER C 211 -12.75 -16.32 3.82
C SER C 211 -14.01 -16.95 4.43
N LYS C 212 -13.87 -17.64 5.56
CA LYS C 212 -15.02 -18.17 6.27
CA LYS C 212 -15.01 -18.18 6.28
C LYS C 212 -15.45 -17.24 7.41
N GLY C 213 -14.75 -16.12 7.56
CA GLY C 213 -15.10 -15.18 8.60
C GLY C 213 -14.58 -15.64 9.95
N ASN C 214 -13.61 -16.54 9.95
CA ASN C 214 -13.02 -16.98 11.20
C ASN C 214 -11.82 -16.12 11.55
N LEU C 215 -11.72 -15.77 12.83
CA LEU C 215 -10.60 -14.98 13.33
C LEU C 215 -9.31 -15.74 13.12
N ILE C 216 -8.36 -15.13 12.44
CA ILE C 216 -7.08 -15.79 12.25
C ILE C 216 -5.97 -14.95 12.84
N GLY C 217 -6.26 -13.71 13.20
CA GLY C 217 -5.31 -12.90 13.91
C GLY C 217 -5.89 -11.57 14.34
N ILE C 218 -5.10 -10.79 15.06
CA ILE C 218 -5.49 -9.45 15.49
C ILE C 218 -4.57 -8.47 14.76
N ASN C 219 -5.16 -7.62 13.92
CA ASN C 219 -4.44 -6.56 13.20
C ASN C 219 -3.56 -5.76 14.16
N THR C 220 -2.27 -5.66 13.85
CA THR C 220 -1.36 -5.05 14.81
C THR C 220 -0.49 -3.96 14.20
N ALA C 221 -0.56 -2.78 14.77
CA ALA C 221 0.19 -1.64 14.23
C ALA C 221 1.66 -1.85 14.53
N ILE C 222 2.52 -1.43 13.59
CA ILE C 222 3.95 -1.62 13.71
C ILE C 222 4.71 -0.32 13.45
N PHE C 223 5.99 -0.33 13.80
CA PHE C 223 6.92 0.69 13.37
C PHE C 223 7.91 0.01 12.44
N THR C 224 8.22 0.64 11.32
CA THR C 224 9.25 0.10 10.44
C THR C 224 10.56 0.80 10.72
N GLN C 225 11.66 0.11 10.43
CA GLN C 225 13.01 0.65 10.64
C GLN C 225 13.19 1.99 9.92
N THR C 226 12.84 2.02 8.64
CA THR C 226 12.89 3.25 7.86
C THR C 226 11.68 4.12 8.10
N GLY C 227 10.53 3.62 7.66
CA GLY C 227 9.32 4.40 7.57
C GLY C 227 8.73 4.18 6.19
N THR C 228 9.61 3.85 5.25
CA THR C 228 9.18 3.48 3.91
C THR C 228 8.27 2.26 3.98
N SER C 229 7.06 2.40 3.43
CA SER C 229 6.09 1.31 3.49
C SER C 229 6.45 0.21 2.51
N ALA C 230 6.25 -1.03 2.94
CA ALA C 230 6.53 -2.18 2.11
C ALA C 230 5.23 -2.76 1.56
N GLY C 231 4.11 -2.09 1.87
CA GLY C 231 2.83 -2.48 1.33
C GLY C 231 2.25 -3.73 1.98
N VAL C 232 2.82 -4.13 3.12
CA VAL C 232 2.31 -5.31 3.82
C VAL C 232 2.14 -4.94 5.29
N GLY C 233 1.25 -5.65 5.97
CA GLY C 233 0.99 -5.41 7.39
C GLY C 233 0.96 -6.72 8.16
N PHE C 234 0.64 -6.65 9.45
CA PHE C 234 0.79 -7.81 10.33
C PHE C 234 -0.35 -8.05 11.30
N ALA C 235 -0.47 -9.29 11.74
CA ALA C 235 -1.49 -9.66 12.73
C ALA C 235 -0.90 -10.70 13.65
N ILE C 236 -1.19 -10.56 14.94
CA ILE C 236 -0.87 -11.60 15.91
C ILE C 236 -1.77 -12.79 15.60
N PRO C 237 -1.18 -13.98 15.47
CA PRO C 237 -1.97 -15.13 15.07
C PRO C 237 -2.93 -15.56 16.18
N SER C 238 -4.08 -16.07 15.76
CA SER C 238 -5.10 -16.43 16.73
C SER C 238 -4.59 -17.52 17.70
N SER C 239 -3.63 -18.33 17.28
CA SER C 239 -3.08 -19.36 18.17
C SER C 239 -2.45 -18.70 19.39
N THR C 240 -1.82 -17.55 19.16
CA THR C 240 -1.22 -16.81 20.25
C THR C 240 -2.32 -16.19 21.11
N VAL C 241 -3.34 -15.63 20.48
CA VAL C 241 -4.44 -15.01 21.20
C VAL C 241 -5.12 -16.06 22.08
N LEU C 242 -5.30 -17.23 21.51
CA LEU C 242 -5.94 -18.34 22.23
C LEU C 242 -5.11 -18.72 23.45
N LYS C 243 -3.79 -18.66 23.32
CA LYS C 243 -2.91 -19.07 24.42
C LYS C 243 -2.91 -18.02 25.52
N ILE C 244 -2.88 -16.75 25.13
CA ILE C 244 -2.69 -15.66 26.08
C ILE C 244 -3.98 -15.20 26.81
N VAL C 245 -5.04 -15.06 26.05
CA VAL C 245 -6.27 -14.46 26.58
C VAL C 245 -6.83 -15.16 27.82
N PRO C 246 -6.91 -16.50 27.82
CA PRO C 246 -7.45 -17.11 29.05
C PRO C 246 -6.55 -16.87 30.27
N GLN C 247 -5.25 -16.75 30.05
CA GLN C 247 -4.34 -16.51 31.17
C GLN C 247 -4.53 -15.09 31.71
N LEU C 248 -4.82 -14.15 30.82
CA LEU C 248 -5.06 -12.78 31.25
C LEU C 248 -6.36 -12.71 32.03
N ILE C 249 -7.34 -13.50 31.64
CA ILE C 249 -8.63 -13.48 32.32
C ILE C 249 -8.44 -14.05 33.72
N GLN C 250 -7.63 -15.09 33.84
CA GLN C 250 -7.49 -15.73 35.15
C GLN C 250 -6.54 -14.98 36.08
N PHE C 251 -5.46 -14.45 35.51
CA PHE C 251 -4.31 -14.00 36.29
C PHE C 251 -3.90 -12.55 36.10
N SER C 252 -4.46 -11.93 35.07
CA SER C 252 -4.22 -10.53 34.69
C SER C 252 -2.90 -10.31 33.96
N LYS C 253 -2.07 -11.34 33.91
CA LYS C 253 -0.77 -11.23 33.26
C LYS C 253 -0.18 -12.62 33.00
N VAL C 254 0.86 -12.65 32.19
CA VAL C 254 1.56 -13.88 31.86
C VAL C 254 2.97 -13.76 32.40
N LEU C 255 3.40 -14.69 33.25
CA LEU C 255 4.78 -14.74 33.72
C LEU C 255 5.58 -15.68 32.83
N ARG C 256 6.81 -15.30 32.48
CA ARG C 256 7.60 -16.13 31.58
C ARG C 256 8.94 -16.50 32.17
N ALA C 257 9.34 -17.74 31.94
CA ALA C 257 10.67 -18.22 32.33
C ALA C 257 11.44 -18.42 31.04
N GLY C 258 12.73 -18.10 31.06
CA GLY C 258 13.53 -18.22 29.87
C GLY C 258 15.01 -18.12 30.14
N ILE C 259 15.73 -17.71 29.11
CA ILE C 259 17.17 -17.60 29.22
C ILE C 259 17.54 -16.20 28.81
N ASN C 260 18.31 -15.54 29.66
CA ASN C 260 18.80 -14.21 29.35
C ASN C 260 19.92 -14.30 28.32
N ILE C 261 19.55 -14.51 27.06
CA ILE C 261 20.50 -14.53 25.95
C ILE C 261 19.86 -13.82 24.76
N GLU C 262 20.70 -13.34 23.84
CA GLU C 262 20.18 -12.71 22.64
C GLU C 262 20.23 -13.71 21.48
N LEU C 263 19.07 -14.01 20.91
CA LEU C 263 18.97 -14.98 19.83
C LEU C 263 18.88 -14.29 18.47
N ALA C 264 19.43 -14.92 17.45
CA ALA C 264 19.41 -14.37 16.09
C ALA C 264 18.01 -14.44 15.51
N PRO C 265 17.52 -13.31 14.98
CA PRO C 265 16.26 -13.33 14.24
C PRO C 265 16.47 -14.16 12.98
N ASP C 266 15.39 -14.69 12.40
CA ASP C 266 15.55 -15.64 11.31
C ASP C 266 16.32 -15.12 10.09
N PRO C 267 16.04 -13.89 9.65
CA PRO C 267 16.80 -13.36 8.51
C PRO C 267 18.29 -13.34 8.79
N VAL C 268 18.69 -12.71 9.89
CA VAL C 268 20.10 -12.68 10.26
C VAL C 268 20.73 -14.07 10.34
N ALA C 269 19.99 -15.02 10.89
CA ALA C 269 20.55 -16.36 11.06
C ALA C 269 20.76 -17.01 9.69
N ASN C 270 19.73 -16.94 8.85
CA ASN C 270 19.81 -17.54 7.52
C ASN C 270 20.77 -16.78 6.59
N GLN C 271 21.27 -15.64 7.05
CA GLN C 271 22.30 -14.92 6.30
C GLN C 271 23.65 -15.54 6.64
N LEU C 272 23.71 -16.07 7.87
CA LEU C 272 24.91 -16.72 8.37
C LEU C 272 24.87 -18.21 8.12
N ASN C 273 23.98 -18.62 7.24
CA ASN C 273 23.83 -20.03 6.88
C ASN C 273 23.40 -20.97 7.99
N VAL C 274 22.66 -20.46 8.98
CA VAL C 274 22.04 -21.34 9.97
C VAL C 274 20.58 -21.57 9.60
N ARG C 275 20.26 -22.77 9.14
CA ARG C 275 18.93 -23.04 8.59
C ARG C 275 18.06 -23.77 9.61
N ASN C 276 18.68 -24.23 10.69
CA ASN C 276 17.94 -24.89 11.75
C ASN C 276 18.42 -24.45 13.13
N GLY C 277 17.48 -24.27 14.05
CA GLY C 277 17.83 -23.96 15.43
C GLY C 277 17.83 -22.48 15.74
N ALA C 278 18.00 -22.17 17.02
CA ALA C 278 18.10 -20.79 17.46
C ALA C 278 19.58 -20.46 17.61
N LEU C 279 20.07 -19.55 16.78
CA LEU C 279 21.47 -19.16 16.86
C LEU C 279 21.66 -18.18 18.01
N VAL C 280 22.50 -18.57 18.96
CA VAL C 280 22.82 -17.69 20.09
C VAL C 280 23.80 -16.60 19.65
N LEU C 281 23.38 -15.35 19.75
CA LEU C 281 24.27 -14.24 19.42
C LEU C 281 25.03 -13.74 20.66
N GLN C 282 24.33 -13.08 21.58
CA GLN C 282 24.98 -12.47 22.75
C GLN C 282 24.75 -13.29 24.04
N VAL C 283 25.74 -13.27 24.91
CA VAL C 283 25.68 -14.01 26.18
C VAL C 283 26.28 -13.19 27.33
N PRO C 284 25.43 -12.73 28.26
CA PRO C 284 25.78 -11.77 29.31
C PRO C 284 26.91 -12.24 30.21
N GLY C 285 27.61 -11.29 30.84
CA GLY C 285 28.60 -11.63 31.84
C GLY C 285 27.94 -12.30 33.03
N LYS C 286 28.62 -13.29 33.60
CA LYS C 286 28.14 -14.00 34.80
C LYS C 286 26.67 -14.44 34.71
N SER C 287 26.19 -14.76 33.51
CA SER C 287 24.81 -15.17 33.32
C SER C 287 24.61 -16.63 33.69
N LEU C 288 23.36 -17.05 33.84
CA LEU C 288 23.04 -18.46 34.02
C LEU C 288 23.57 -19.21 32.81
N ALA C 289 23.38 -18.60 31.65
CA ALA C 289 23.85 -19.13 30.37
C ALA C 289 25.37 -19.27 30.34
N GLU C 290 26.08 -18.27 30.83
CA GLU C 290 27.55 -18.37 30.92
C GLU C 290 27.91 -19.52 31.85
N LYS C 291 27.40 -19.48 33.08
CA LYS C 291 27.65 -20.53 34.08
C LYS C 291 27.35 -21.90 33.52
N ALA C 292 26.34 -21.97 32.67
CA ALA C 292 25.92 -23.22 32.04
C ALA C 292 26.94 -23.68 31.00
N GLY C 293 27.63 -22.72 30.38
CA GLY C 293 28.67 -23.02 29.41
C GLY C 293 28.22 -22.90 27.96
N LEU C 294 27.62 -21.75 27.63
CA LEU C 294 27.03 -21.53 26.31
C LEU C 294 27.72 -20.36 25.58
N HIS C 295 28.12 -20.58 24.33
CA HIS C 295 28.96 -19.61 23.59
C HIS C 295 28.18 -18.63 22.74
N PRO C 296 28.56 -17.35 22.80
CA PRO C 296 28.03 -16.29 21.92
C PRO C 296 28.64 -16.37 20.51
N THR C 297 28.19 -15.49 19.63
CA THR C 297 28.74 -15.40 18.28
C THR C 297 29.79 -14.28 18.22
N SER C 298 30.92 -14.55 17.59
CA SER C 298 32.04 -13.59 17.62
C SER C 298 32.67 -13.32 16.26
N ARG C 299 32.78 -12.03 15.91
CA ARG C 299 33.59 -11.61 14.76
C ARG C 299 35.00 -11.25 15.22
N GLY C 300 35.98 -12.05 14.81
CA GLY C 300 37.37 -11.81 15.17
C GLY C 300 37.94 -10.65 14.36
N PHE C 301 38.99 -10.03 14.88
CA PHE C 301 39.60 -8.89 14.20
C PHE C 301 40.14 -9.30 12.83
N ALA C 302 40.59 -10.54 12.72
CA ALA C 302 41.13 -11.04 11.47
C ALA C 302 40.01 -11.20 10.43
N GLY C 303 39.00 -10.33 10.52
CA GLY C 303 37.94 -10.28 9.54
C GLY C 303 36.88 -11.37 9.62
N ASN C 304 37.12 -12.38 10.44
CA ASN C 304 36.29 -13.59 10.42
C ASN C 304 35.07 -13.59 11.33
N ILE C 305 34.12 -14.47 11.03
CA ILE C 305 32.96 -14.75 11.89
C ILE C 305 33.04 -16.16 12.47
N VAL C 306 32.83 -16.28 13.79
CA VAL C 306 32.75 -17.59 14.42
C VAL C 306 31.40 -17.74 15.14
N LEU C 307 30.74 -18.87 14.90
CA LEU C 307 29.34 -19.02 15.29
C LEU C 307 29.08 -19.38 16.75
N GLY C 308 28.19 -18.60 17.37
CA GLY C 308 27.70 -18.92 18.69
C GLY C 308 26.99 -20.26 18.63
N ASP C 309 26.76 -20.87 19.79
CA ASP C 309 26.05 -22.13 19.83
C ASP C 309 24.68 -21.96 19.17
N ILE C 310 24.19 -23.04 18.58
CA ILE C 310 22.85 -23.07 18.04
C ILE C 310 22.03 -24.01 18.88
N ILE C 311 20.98 -23.48 19.50
CA ILE C 311 20.07 -24.26 20.29
C ILE C 311 19.10 -24.96 19.35
N VAL C 312 19.10 -26.28 19.37
CA VAL C 312 18.28 -27.07 18.48
C VAL C 312 17.33 -28.01 19.23
N ALA C 313 17.53 -28.10 20.55
CA ALA C 313 16.69 -28.97 21.37
C ALA C 313 16.57 -28.47 22.81
N VAL C 314 15.34 -28.38 23.30
CA VAL C 314 15.07 -28.15 24.70
C VAL C 314 14.36 -29.39 25.25
N ASP C 315 15.04 -30.14 26.10
CA ASP C 315 14.53 -31.43 26.52
C ASP C 315 14.23 -32.30 25.30
N ASP C 316 15.20 -32.34 24.38
CA ASP C 316 15.10 -33.10 23.14
C ASP C 316 13.91 -32.75 22.24
N LYS C 317 13.17 -31.70 22.62
CA LYS C 317 12.12 -31.16 21.76
C LYS C 317 12.73 -30.27 20.70
N PRO C 318 12.59 -30.65 19.42
CA PRO C 318 13.24 -29.95 18.31
C PRO C 318 12.97 -28.44 18.34
N VAL C 319 14.03 -27.65 18.22
CA VAL C 319 13.93 -26.21 18.10
C VAL C 319 14.29 -25.78 16.67
N LYS C 320 13.35 -25.11 16.01
CA LYS C 320 13.48 -24.84 14.59
C LYS C 320 14.02 -23.45 14.28
N ASN C 321 13.66 -22.49 15.13
CA ASN C 321 14.15 -21.13 15.01
C ASN C 321 13.94 -20.39 16.32
N LYS C 322 14.20 -19.09 16.33
CA LYS C 322 14.03 -18.29 17.53
C LYS C 322 12.60 -18.36 18.08
N ALA C 323 11.63 -18.04 17.23
CA ALA C 323 10.23 -18.01 17.65
C ALA C 323 9.80 -19.33 18.32
N GLU C 324 10.23 -20.44 17.75
CA GLU C 324 9.92 -21.76 18.30
C GLU C 324 10.52 -21.96 19.69
N LEU C 325 11.78 -21.56 19.87
CA LEU C 325 12.42 -21.65 21.18
C LEU C 325 11.62 -20.86 22.22
N MET C 326 11.22 -19.65 21.84
CA MET C 326 10.43 -18.77 22.71
C MET C 326 9.12 -19.44 23.10
N LYS C 327 8.42 -20.00 22.13
CA LYS C 327 7.18 -20.71 22.37
C LYS C 327 7.40 -21.82 23.39
N ILE C 328 8.47 -22.59 23.17
CA ILE C 328 8.81 -23.73 24.02
C ILE C 328 9.11 -23.40 25.49
N LEU C 329 9.86 -22.32 25.72
CA LEU C 329 10.29 -21.97 27.08
C LEU C 329 9.13 -21.36 27.85
N ASP C 330 8.23 -20.72 27.12
CA ASP C 330 7.03 -20.13 27.67
C ASP C 330 6.14 -21.15 28.38
N GLU C 331 6.38 -22.43 28.13
CA GLU C 331 5.59 -23.49 28.75
C GLU C 331 6.17 -23.95 30.08
N TYR C 332 7.36 -23.47 30.40
CA TYR C 332 7.99 -23.80 31.67
C TYR C 332 7.66 -22.74 32.72
N SER C 333 8.34 -22.81 33.85
CA SER C 333 8.16 -21.84 34.92
C SER C 333 9.51 -21.54 35.56
N VAL C 334 9.60 -20.44 36.30
CA VAL C 334 10.85 -20.03 36.93
C VAL C 334 11.42 -21.09 37.89
N GLY C 335 12.67 -21.46 37.67
CA GLY C 335 13.33 -22.45 38.49
C GLY C 335 13.48 -23.80 37.80
N ASP C 336 12.61 -24.09 36.84
CA ASP C 336 12.65 -25.38 36.16
C ASP C 336 14.03 -25.68 35.57
N LYS C 337 14.47 -26.93 35.67
CA LYS C 337 15.75 -27.36 35.12
C LYS C 337 15.56 -28.06 33.77
N VAL C 338 16.24 -27.56 32.74
CA VAL C 338 16.11 -28.12 31.38
C VAL C 338 17.46 -28.49 30.75
N THR C 339 17.41 -29.37 29.76
CA THR C 339 18.63 -29.76 29.04
C THR C 339 18.63 -29.21 27.61
N LEU C 340 19.64 -28.40 27.31
CA LEU C 340 19.77 -27.84 25.98
C LEU C 340 20.72 -28.66 25.14
N LYS C 341 20.29 -28.99 23.91
CA LYS C 341 21.19 -29.60 22.94
C LYS C 341 21.60 -28.53 21.95
N ILE C 342 22.89 -28.24 21.90
CA ILE C 342 23.39 -27.17 21.07
C ILE C 342 24.25 -27.71 19.95
N LYS C 343 24.44 -26.89 18.91
CA LYS C 343 25.41 -27.19 17.89
C LYS C 343 26.52 -26.15 17.96
N ARG C 344 27.66 -26.57 18.48
CA ARG C 344 28.84 -25.71 18.54
C ARG C 344 29.74 -26.05 17.37
N GLY C 345 29.76 -25.16 16.38
CA GLY C 345 30.48 -25.45 15.15
C GLY C 345 29.98 -26.76 14.57
N ASN C 346 30.88 -27.73 14.43
CA ASN C 346 30.48 -29.03 13.90
C ASN C 346 30.37 -30.08 15.02
N GLU C 347 30.07 -29.62 16.24
CA GLU C 347 29.97 -30.52 17.38
C GLU C 347 28.52 -30.78 17.78
N ASP C 348 28.33 -31.50 18.88
CA ASP C 348 27.00 -31.78 19.41
C ASP C 348 27.09 -31.89 20.93
N LEU C 349 26.62 -30.86 21.63
CA LEU C 349 26.80 -30.78 23.07
C LEU C 349 25.49 -30.61 23.84
N GLU C 350 25.41 -31.19 25.03
CA GLU C 350 24.21 -31.08 25.86
C GLU C 350 24.49 -30.38 27.18
N LEU C 351 23.87 -29.21 27.36
CA LEU C 351 24.08 -28.42 28.56
C LEU C 351 22.90 -28.46 29.52
N LYS C 352 23.18 -28.14 30.78
CA LYS C 352 22.15 -27.95 31.78
C LYS C 352 21.97 -26.45 32.02
N ILE C 353 20.76 -26.04 32.38
CA ILE C 353 20.54 -24.67 32.82
C ILE C 353 19.20 -24.52 33.52
N SER C 354 19.15 -23.63 34.51
CA SER C 354 17.91 -23.33 35.20
C SER C 354 17.29 -22.06 34.61
N LEU C 355 15.98 -22.10 34.39
CA LEU C 355 15.28 -20.99 33.79
C LEU C 355 14.95 -19.92 34.83
N GLU C 356 15.15 -18.66 34.46
CA GLU C 356 14.82 -17.56 35.35
C GLU C 356 13.88 -16.56 34.65
N GLU C 357 13.25 -15.70 35.43
CA GLU C 357 12.54 -14.57 34.84
C GLU C 357 13.55 -13.80 34.00
N LYS C 358 13.09 -13.10 32.96
CA LYS C 358 14.00 -12.47 32.00
C LYS C 358 14.24 -10.99 32.29
N SER C 359 15.43 -10.50 31.93
CA SER C 359 15.85 -9.13 32.23
C SER C 359 15.23 -8.07 31.33
N SER C 360 14.60 -8.50 30.24
CA SER C 360 14.07 -7.53 29.28
C SER C 360 12.86 -8.09 28.53
N LEU C 361 12.16 -7.20 27.86
CA LEU C 361 11.33 -7.60 26.75
C LEU C 361 12.23 -7.35 25.53
N GLU C 362 11.90 -7.94 24.38
CA GLU C 362 12.73 -7.75 23.20
C GLU C 362 12.35 -6.47 22.48
N HIS C 363 13.10 -5.40 22.73
CA HIS C 363 12.82 -4.09 22.13
C HIS C 363 13.54 -3.91 20.80
N HIS C 364 12.80 -3.80 19.72
CA HIS C 364 13.38 -3.28 18.50
C HIS C 364 13.45 -1.78 18.79
N HIS C 365 14.10 -0.99 17.96
CA HIS C 365 14.08 0.43 18.26
C HIS C 365 13.63 1.22 17.06
N HIS C 366 12.64 0.66 16.37
CA HIS C 366 12.01 1.29 15.22
C HIS C 366 11.06 2.39 15.72
N HIS C 367 10.84 3.41 14.90
CA HIS C 367 9.96 4.52 15.28
C HIS C 367 9.21 5.14 14.09
#